data_5XW7
#
_entry.id   5XW7
#
_cell.length_a   115.810
_cell.length_b   55.620
_cell.length_c   165.020
_cell.angle_alpha   90.00
_cell.angle_beta   95.56
_cell.angle_gamma   90.00
#
_symmetry.space_group_name_H-M   'P 1 21 1'
#
_entity_poly.entity_id   1
_entity_poly.type   'polypeptide(L)'
_entity_poly.pdbx_seq_one_letter_code
;GHMDEPTAQQQLLSQVRLGEATKREDLVRQSLYRLELIDPDNPDVIAARFRYLLRQGDNAGAQKQLDRMKQLAPDSAAYK
SSVTSMTLSGAEGRQALQQARLQATTGHVPEALAAYDALFKGNPPEGDLAVEYWALVAKVPARRSEAITQLKALNARNPG
NAALQNSLAQLLFGEGRDAEAYAVLEQMAKSSAGREAAAGLWYQQIQRMPVSDASVKALQRFLTVFSSGDTVDSARTQLA
AQQKQLADPAFRLEHHHHHH
;
_entity_poly.pdbx_strand_id   A,B,C,D,E
#
# COMPACT_ATOMS: atom_id res chain seq x y z
N PRO A 6 4.49 -7.03 -25.69
CA PRO A 6 4.19 -7.87 -24.52
C PRO A 6 3.29 -7.15 -23.51
N THR A 7 2.51 -7.88 -22.71
CA THR A 7 1.67 -7.25 -21.70
C THR A 7 2.52 -6.66 -20.56
N ALA A 8 1.87 -5.98 -19.62
CA ALA A 8 2.63 -5.42 -18.52
C ALA A 8 2.87 -6.47 -17.47
N GLN A 9 1.92 -7.40 -17.31
CA GLN A 9 2.08 -8.51 -16.38
C GLN A 9 3.28 -9.34 -16.71
N GLN A 10 3.51 -9.48 -18.02
CA GLN A 10 4.53 -10.37 -18.56
C GLN A 10 5.87 -9.75 -18.32
N GLN A 11 5.88 -8.42 -18.43
CA GLN A 11 7.09 -7.65 -18.20
C GLN A 11 7.44 -7.62 -16.70
N LEU A 12 6.40 -7.56 -15.87
CA LEU A 12 6.59 -7.59 -14.42
C LEU A 12 7.10 -8.93 -13.93
N LEU A 13 6.52 -10.01 -14.44
CA LEU A 13 6.94 -11.36 -14.09
C LEU A 13 8.33 -11.66 -14.62
N SER A 14 8.63 -11.21 -15.84
CA SER A 14 9.98 -11.34 -16.36
C SER A 14 10.99 -10.56 -15.46
N GLN A 15 10.61 -9.37 -15.00
CA GLN A 15 11.47 -8.67 -14.06
C GLN A 15 11.61 -9.43 -12.73
N VAL A 16 10.56 -10.14 -12.32
CA VAL A 16 10.63 -11.00 -11.14
C VAL A 16 11.72 -12.04 -11.37
N ARG A 17 11.72 -12.69 -12.54
CA ARG A 17 12.72 -13.74 -12.84
C ARG A 17 14.13 -13.18 -12.93
N LEU A 18 14.25 -11.97 -13.46
CA LEU A 18 15.55 -11.31 -13.51
C LEU A 18 16.08 -11.05 -12.11
N GLY A 19 15.20 -10.51 -11.25
CA GLY A 19 15.55 -10.25 -9.88
C GLY A 19 15.89 -11.51 -9.11
N GLU A 20 15.17 -12.59 -9.39
CA GLU A 20 15.45 -13.87 -8.77
C GLU A 20 16.83 -14.39 -9.19
N ALA A 21 17.13 -14.19 -10.47
CA ALA A 21 18.38 -14.62 -11.05
C ALA A 21 19.58 -13.78 -10.56
N THR A 22 19.37 -12.48 -10.40
CA THR A 22 20.48 -11.61 -10.05
C THR A 22 20.59 -11.35 -8.54
N LYS A 23 19.86 -12.14 -7.74
CA LYS A 23 19.87 -12.01 -6.28
C LYS A 23 19.52 -10.59 -5.76
N ARG A 24 18.67 -9.89 -6.50
CA ARG A 24 18.23 -8.55 -6.13
C ARG A 24 16.76 -8.58 -5.75
N GLU A 25 16.44 -8.50 -4.47
CA GLU A 25 15.04 -8.66 -4.07
C GLU A 25 14.30 -7.33 -4.10
N ASP A 26 15.00 -6.24 -4.45
CA ASP A 26 14.37 -4.96 -4.75
C ASP A 26 13.37 -5.17 -5.85
N LEU A 27 13.91 -5.63 -6.99
CA LEU A 27 13.14 -5.82 -8.18
C LEU A 27 12.00 -6.77 -7.92
N VAL A 28 12.32 -7.83 -7.19
CA VAL A 28 11.30 -8.84 -6.93
C VAL A 28 10.17 -8.18 -6.19
N ARG A 29 10.55 -7.38 -5.18
CA ARG A 29 9.59 -6.69 -4.31
C ARG A 29 8.66 -5.76 -5.08
N GLN A 30 9.24 -4.93 -5.94
CA GLN A 30 8.52 -3.96 -6.77
C GLN A 30 7.53 -4.63 -7.67
N SER A 31 8.05 -5.59 -8.42
CA SER A 31 7.27 -6.28 -9.40
C SER A 31 6.15 -7.06 -8.75
N LEU A 32 6.43 -7.63 -7.59
CA LEU A 32 5.39 -8.34 -6.89
C LEU A 32 4.30 -7.40 -6.44
N TYR A 33 4.75 -6.25 -5.95
CA TYR A 33 3.87 -5.25 -5.39
C TYR A 33 2.88 -4.80 -6.46
N ARG A 34 3.34 -4.53 -7.68
CA ARG A 34 2.35 -4.17 -8.71
C ARG A 34 1.54 -5.36 -9.21
N LEU A 35 2.16 -6.52 -9.26
CA LEU A 35 1.48 -7.71 -9.74
C LEU A 35 0.27 -8.12 -8.90
N GLU A 36 0.39 -8.09 -7.58
CA GLU A 36 -0.72 -8.51 -6.73
C GLU A 36 -1.89 -7.52 -6.72
N LEU A 37 -1.66 -6.33 -7.27
CA LEU A 37 -2.74 -5.36 -7.51
C LEU A 37 -3.33 -5.59 -8.89
N ILE A 38 -2.50 -6.02 -9.84
CA ILE A 38 -2.99 -6.19 -11.19
C ILE A 38 -3.75 -7.49 -11.30
N ASP A 39 -3.09 -8.60 -11.00
CA ASP A 39 -3.71 -9.90 -11.10
C ASP A 39 -3.30 -10.80 -9.93
N PRO A 40 -4.00 -10.63 -8.79
CA PRO A 40 -3.74 -11.25 -7.49
C PRO A 40 -3.94 -12.75 -7.50
N ASP A 41 -4.81 -13.23 -8.39
CA ASP A 41 -5.13 -14.65 -8.39
C ASP A 41 -4.44 -15.43 -9.52
N ASN A 42 -3.54 -14.76 -10.23
CA ASN A 42 -2.69 -15.40 -11.23
C ASN A 42 -1.67 -16.32 -10.56
N PRO A 43 -1.76 -17.64 -10.84
CA PRO A 43 -0.90 -18.67 -10.24
C PRO A 43 0.58 -18.37 -10.42
N ASP A 44 0.94 -17.64 -11.48
CA ASP A 44 2.33 -17.23 -11.69
C ASP A 44 2.73 -16.18 -10.68
N VAL A 45 1.81 -15.28 -10.38
CA VAL A 45 2.08 -14.27 -9.39
C VAL A 45 2.13 -14.89 -7.98
N ILE A 46 1.20 -15.78 -7.71
CA ILE A 46 1.14 -16.41 -6.40
C ILE A 46 2.39 -17.25 -6.20
N ALA A 47 2.81 -17.91 -7.27
CA ALA A 47 4.03 -18.70 -7.24
C ALA A 47 5.26 -17.81 -7.02
N ALA A 48 5.24 -16.61 -7.61
CA ALA A 48 6.37 -15.71 -7.43
C ALA A 48 6.52 -15.33 -5.96
N ARG A 49 5.40 -14.98 -5.33
CA ARG A 49 5.46 -14.69 -3.91
C ARG A 49 5.78 -15.93 -3.10
N PHE A 50 5.28 -17.07 -3.54
CA PHE A 50 5.57 -18.33 -2.87
C PHE A 50 7.08 -18.53 -2.74
N ARG A 51 7.76 -18.43 -3.88
CA ARG A 51 9.22 -18.50 -3.89
C ARG A 51 9.91 -17.43 -3.03
N TYR A 52 9.39 -16.20 -3.09
CA TYR A 52 9.96 -15.13 -2.30
C TYR A 52 9.91 -15.41 -0.81
N LEU A 53 8.73 -15.83 -0.36
CA LEU A 53 8.51 -16.13 1.04
C LEU A 53 9.37 -17.28 1.46
N LEU A 54 9.58 -18.23 0.55
CA LEU A 54 10.50 -19.32 0.83
C LEU A 54 11.94 -18.81 0.99
N ARG A 55 12.35 -17.84 0.16
CA ARG A 55 13.71 -17.31 0.26
C ARG A 55 13.90 -16.59 1.58
N GLN A 56 12.83 -16.05 2.13
CA GLN A 56 12.96 -15.30 3.37
C GLN A 56 12.74 -16.21 4.58
N GLY A 57 12.55 -17.50 4.32
CA GLY A 57 12.43 -18.46 5.40
C GLY A 57 11.09 -18.43 6.11
N ASP A 58 10.07 -17.87 5.46
CA ASP A 58 8.72 -17.81 6.02
C ASP A 58 7.84 -18.92 5.46
N ASN A 59 8.08 -20.14 5.91
CA ASN A 59 7.43 -21.30 5.33
C ASN A 59 5.92 -21.29 5.59
N ALA A 60 5.52 -20.52 6.59
CA ALA A 60 4.12 -20.37 6.91
C ALA A 60 3.39 -19.64 5.79
N GLY A 61 3.87 -18.44 5.47
CA GLY A 61 3.31 -17.62 4.42
C GLY A 61 3.39 -18.34 3.10
N ALA A 62 4.51 -19.05 2.91
CA ALA A 62 4.70 -19.84 1.71
C ALA A 62 3.59 -20.87 1.58
N GLN A 63 3.36 -21.58 2.67
CA GLN A 63 2.35 -22.63 2.71
C GLN A 63 0.94 -22.09 2.46
N LYS A 64 0.66 -20.91 3.00
CA LYS A 64 -0.64 -20.31 2.77
C LYS A 64 -0.82 -20.00 1.27
N GLN A 65 0.23 -19.46 0.65
CA GLN A 65 0.19 -19.22 -0.79
C GLN A 65 0.07 -20.49 -1.60
N LEU A 66 0.67 -21.55 -1.08
CA LEU A 66 0.62 -22.85 -1.73
C LEU A 66 -0.80 -23.37 -1.75
N ASP A 67 -1.48 -23.27 -0.61
CA ASP A 67 -2.88 -23.68 -0.49
C ASP A 67 -3.80 -22.84 -1.36
N ARG A 68 -3.48 -21.56 -1.45
CA ARG A 68 -4.25 -20.67 -2.29
C ARG A 68 -4.14 -21.12 -3.75
N MET A 69 -2.94 -21.50 -4.15
CA MET A 69 -2.75 -22.01 -5.50
C MET A 69 -3.48 -23.33 -5.65
N LYS A 70 -3.55 -24.10 -4.57
CA LYS A 70 -4.10 -25.46 -4.64
C LYS A 70 -5.60 -25.39 -4.83
N GLN A 71 -6.21 -24.33 -4.32
CA GLN A 71 -7.65 -24.20 -4.45
C GLN A 71 -8.00 -23.37 -5.68
N LEU A 72 -7.03 -22.66 -6.22
CA LEU A 72 -7.26 -21.82 -7.39
C LEU A 72 -6.92 -22.50 -8.73
N ALA A 73 -5.75 -23.13 -8.81
CA ALA A 73 -5.32 -23.82 -10.04
C ALA A 73 -4.47 -25.05 -9.73
N PRO A 74 -5.12 -26.16 -9.35
CA PRO A 74 -4.48 -27.36 -8.84
C PRO A 74 -3.69 -28.15 -9.89
N ASP A 75 -3.97 -27.91 -11.16
CA ASP A 75 -3.26 -28.64 -12.22
C ASP A 75 -2.48 -27.68 -13.13
N SER A 76 -2.13 -26.50 -12.61
CA SER A 76 -1.28 -25.56 -13.32
C SER A 76 0.18 -25.91 -13.10
N ALA A 77 1.03 -25.65 -14.09
CA ALA A 77 2.44 -25.99 -13.96
C ALA A 77 3.03 -25.26 -12.76
N ALA A 78 2.54 -24.04 -12.55
CA ALA A 78 2.95 -23.19 -11.45
C ALA A 78 2.68 -23.83 -10.09
N TYR A 79 1.49 -24.41 -9.94
CA TYR A 79 1.19 -25.04 -8.66
C TYR A 79 2.14 -26.20 -8.36
N LYS A 80 2.27 -27.14 -9.30
CA LYS A 80 3.03 -28.35 -9.04
C LYS A 80 4.54 -28.08 -8.95
N SER A 81 4.99 -27.10 -9.71
CA SER A 81 6.38 -26.67 -9.62
C SER A 81 6.62 -26.10 -8.23
N SER A 82 5.63 -25.35 -7.72
CA SER A 82 5.74 -24.76 -6.39
C SER A 82 5.79 -25.83 -5.31
N VAL A 83 5.03 -26.89 -5.56
CA VAL A 83 4.97 -28.05 -4.67
C VAL A 83 6.33 -28.70 -4.58
N THR A 84 6.97 -28.87 -5.74
CA THR A 84 8.34 -29.40 -5.81
C THR A 84 9.32 -28.52 -5.04
N SER A 85 9.29 -27.20 -5.28
CA SER A 85 10.19 -26.28 -4.54
C SER A 85 9.94 -26.40 -3.03
N MET A 86 8.69 -26.69 -2.68
CA MET A 86 8.32 -26.83 -1.28
C MET A 86 8.88 -28.12 -0.73
N THR A 87 8.98 -29.14 -1.58
CA THR A 87 9.51 -30.42 -1.13
C THR A 87 11.00 -30.31 -0.93
N LEU A 88 11.61 -29.44 -1.72
CA LEU A 88 13.05 -29.29 -1.72
C LEU A 88 13.43 -28.21 -0.79
N SER A 89 12.42 -27.67 -0.11
CA SER A 89 12.58 -26.49 0.72
C SER A 89 13.48 -26.85 1.88
N GLY A 90 13.44 -28.12 2.27
CA GLY A 90 14.20 -28.56 3.41
C GLY A 90 14.35 -30.07 3.49
N ALA A 91 15.29 -30.48 4.35
CA ALA A 91 15.49 -31.88 4.69
C ALA A 91 15.62 -32.88 3.54
N GLU A 92 14.71 -33.85 3.56
CA GLU A 92 14.83 -35.05 2.74
C GLU A 92 14.94 -34.77 1.27
N GLY A 93 14.06 -33.90 0.79
CA GLY A 93 14.04 -33.57 -0.62
C GLY A 93 15.33 -32.90 -1.03
N ARG A 94 15.87 -32.06 -0.14
CA ARG A 94 17.10 -31.37 -0.46
C ARG A 94 18.15 -32.43 -0.75
N GLN A 95 18.23 -33.46 0.10
CA GLN A 95 19.28 -34.44 -0.13
C GLN A 95 18.97 -35.37 -1.29
N ALA A 96 17.68 -35.55 -1.62
CA ALA A 96 17.36 -36.34 -2.79
C ALA A 96 18.00 -35.68 -3.99
N LEU A 97 17.88 -34.35 -4.04
CA LEU A 97 18.46 -33.59 -5.13
C LEU A 97 19.96 -33.71 -5.09
N GLN A 98 20.52 -33.69 -3.89
CA GLN A 98 21.96 -33.74 -3.77
C GLN A 98 22.45 -35.05 -4.34
N GLN A 99 21.63 -36.10 -4.23
CA GLN A 99 22.03 -37.38 -4.76
C GLN A 99 21.81 -37.45 -6.25
N ALA A 100 20.75 -36.82 -6.74
CA ALA A 100 20.48 -36.85 -8.17
C ALA A 100 21.60 -36.15 -8.89
N ARG A 101 21.99 -34.98 -8.40
CA ARG A 101 23.03 -34.25 -9.09
C ARG A 101 24.35 -35.00 -8.92
N LEU A 102 24.48 -35.76 -7.84
CA LEU A 102 25.72 -36.52 -7.71
C LEU A 102 25.82 -37.52 -8.86
N GLN A 103 24.75 -38.28 -9.10
CA GLN A 103 24.80 -39.27 -10.16
C GLN A 103 24.77 -38.57 -11.49
N ALA A 104 24.36 -37.31 -11.47
CA ALA A 104 24.28 -36.57 -12.71
C ALA A 104 25.70 -36.18 -13.09
N THR A 105 26.49 -35.82 -12.10
CA THR A 105 27.82 -35.33 -12.42
C THR A 105 28.81 -36.46 -12.63
N THR A 106 28.65 -37.57 -11.91
CA THR A 106 29.59 -38.68 -12.02
C THR A 106 29.40 -39.45 -13.35
N GLY A 107 28.31 -39.16 -14.07
CA GLY A 107 28.05 -39.77 -15.36
C GLY A 107 27.12 -40.98 -15.33
N HIS A 108 26.47 -41.17 -14.18
CA HIS A 108 25.44 -42.20 -14.04
C HIS A 108 24.11 -41.69 -14.57
N VAL A 109 24.05 -41.45 -15.87
CA VAL A 109 22.93 -40.71 -16.44
C VAL A 109 21.55 -41.39 -16.26
N PRO A 110 21.40 -42.71 -16.51
CA PRO A 110 20.07 -43.28 -16.31
C PRO A 110 19.63 -43.28 -14.84
N GLU A 111 20.56 -43.56 -13.94
CA GLU A 111 20.29 -43.47 -12.51
C GLU A 111 19.89 -42.04 -12.11
N ALA A 112 20.63 -41.06 -12.62
CA ALA A 112 20.37 -39.66 -12.35
C ALA A 112 18.97 -39.26 -12.80
N LEU A 113 18.64 -39.61 -14.04
CA LEU A 113 17.33 -39.33 -14.59
C LEU A 113 16.25 -39.99 -13.77
N ALA A 114 16.54 -41.18 -13.25
CA ALA A 114 15.58 -41.89 -12.42
C ALA A 114 15.29 -41.13 -11.13
N ALA A 115 16.36 -40.67 -10.48
CA ALA A 115 16.21 -39.92 -9.26
C ALA A 115 15.45 -38.61 -9.50
N TYR A 116 15.83 -37.86 -10.54
CA TYR A 116 15.18 -36.60 -10.89
C TYR A 116 13.71 -36.82 -11.18
N ASP A 117 13.39 -37.91 -11.89
CA ASP A 117 11.99 -38.24 -12.15
C ASP A 117 11.27 -38.47 -10.82
N ALA A 118 11.98 -39.12 -9.89
CA ALA A 118 11.42 -39.38 -8.58
C ALA A 118 11.08 -38.09 -7.83
N LEU A 119 11.95 -37.08 -7.93
CA LEU A 119 11.71 -35.80 -7.24
C LEU A 119 10.73 -34.86 -7.92
N PHE A 120 11.05 -34.53 -9.16
CA PHE A 120 10.33 -33.50 -9.89
C PHE A 120 9.01 -33.98 -10.44
N LYS A 121 8.87 -35.30 -10.52
CA LYS A 121 7.68 -35.94 -11.04
C LYS A 121 7.10 -35.25 -12.28
N GLY A 122 7.97 -34.75 -13.14
CA GLY A 122 7.50 -34.14 -14.38
C GLY A 122 7.30 -32.64 -14.30
N ASN A 123 7.38 -32.08 -13.10
CA ASN A 123 7.37 -30.61 -12.94
C ASN A 123 8.47 -30.14 -12.00
N PRO A 124 9.65 -29.83 -12.58
CA PRO A 124 10.82 -29.32 -11.88
C PRO A 124 10.51 -27.92 -11.37
N PRO A 125 11.18 -27.48 -10.29
CA PRO A 125 11.07 -26.13 -9.72
C PRO A 125 11.54 -25.11 -10.74
N GLU A 126 10.99 -23.91 -10.77
CA GLU A 126 11.43 -22.92 -11.76
C GLU A 126 12.93 -22.57 -11.72
N GLY A 127 13.44 -22.04 -12.82
CA GLY A 127 14.83 -21.68 -12.93
C GLY A 127 15.69 -22.63 -13.71
N ASP A 128 16.97 -22.69 -13.38
CA ASP A 128 17.89 -23.50 -14.15
C ASP A 128 17.71 -25.01 -13.92
N LEU A 129 17.13 -25.40 -12.80
CA LEU A 129 16.83 -26.81 -12.59
C LEU A 129 15.87 -27.34 -13.62
N ALA A 130 14.90 -26.54 -14.04
CA ALA A 130 14.01 -26.97 -15.11
C ALA A 130 14.81 -27.23 -16.38
N VAL A 131 15.74 -26.33 -16.69
CA VAL A 131 16.59 -26.51 -17.86
C VAL A 131 17.37 -27.82 -17.78
N GLU A 132 18.00 -28.06 -16.63
CA GLU A 132 18.78 -29.30 -16.44
C GLU A 132 17.91 -30.55 -16.59
N TYR A 133 16.77 -30.53 -15.93
CA TYR A 133 15.85 -31.65 -15.95
C TYR A 133 15.38 -31.93 -17.37
N TRP A 134 14.81 -30.94 -18.04
CA TRP A 134 14.27 -31.18 -19.40
C TRP A 134 15.37 -31.48 -20.43
N ALA A 135 16.59 -31.03 -20.19
CA ALA A 135 17.70 -31.45 -21.01
C ALA A 135 18.04 -32.93 -20.77
N LEU A 136 18.08 -33.34 -19.49
CA LEU A 136 18.37 -34.75 -19.14
C LEU A 136 17.30 -35.71 -19.66
N VAL A 137 16.05 -35.28 -19.54
CA VAL A 137 14.89 -35.97 -20.08
C VAL A 137 14.93 -36.03 -21.62
N ALA A 138 15.46 -34.98 -22.23
CA ALA A 138 15.56 -34.96 -23.69
C ALA A 138 16.51 -36.03 -24.20
N LYS A 139 17.37 -36.52 -23.32
CA LYS A 139 18.32 -37.56 -23.68
C LYS A 139 17.62 -38.91 -23.98
N VAL A 140 16.42 -39.07 -23.45
CA VAL A 140 15.60 -40.23 -23.72
C VAL A 140 14.83 -40.04 -25.02
N PRO A 141 15.05 -40.95 -25.98
CA PRO A 141 14.51 -40.94 -27.35
C PRO A 141 12.99 -40.83 -27.44
N ALA A 142 12.30 -41.57 -26.56
CA ALA A 142 10.85 -41.59 -26.44
C ALA A 142 10.28 -40.24 -25.97
N ARG A 143 10.63 -39.89 -24.73
CA ARG A 143 10.26 -38.63 -24.09
C ARG A 143 10.82 -37.37 -24.76
N ARG A 144 11.65 -37.57 -25.77
CA ARG A 144 12.42 -36.47 -26.34
C ARG A 144 11.54 -35.32 -26.81
N SER A 145 10.39 -35.62 -27.40
CA SER A 145 9.61 -34.58 -28.07
C SER A 145 8.84 -33.71 -27.12
N GLU A 146 8.28 -34.30 -26.07
CA GLU A 146 7.58 -33.45 -25.12
C GLU A 146 8.62 -32.60 -24.39
N ALA A 147 9.75 -33.21 -24.07
CA ALA A 147 10.87 -32.47 -23.47
C ALA A 147 11.34 -31.29 -24.36
N ILE A 148 11.40 -31.50 -25.67
CA ILE A 148 11.72 -30.44 -26.62
C ILE A 148 10.70 -29.32 -26.46
N THR A 149 9.42 -29.69 -26.38
CA THR A 149 8.36 -28.69 -26.15
C THR A 149 8.60 -27.86 -24.89
N GLN A 150 8.88 -28.54 -23.79
CA GLN A 150 9.15 -27.86 -22.53
C GLN A 150 10.37 -26.91 -22.62
N LEU A 151 11.39 -27.36 -23.34
CA LEU A 151 12.60 -26.57 -23.55
C LEU A 151 12.31 -25.33 -24.40
N LYS A 152 11.46 -25.47 -25.40
CA LYS A 152 11.06 -24.33 -26.19
C LYS A 152 10.36 -23.30 -25.29
N ALA A 153 9.49 -23.79 -24.41
CA ALA A 153 8.82 -22.92 -23.43
C ALA A 153 9.81 -22.15 -22.54
N LEU A 154 10.80 -22.87 -21.99
CA LEU A 154 11.84 -22.25 -21.17
C LEU A 154 12.68 -21.23 -21.96
N ASN A 155 12.71 -21.42 -23.27
CA ASN A 155 13.44 -20.51 -24.10
C ASN A 155 12.66 -19.25 -24.27
N ALA A 156 11.33 -19.38 -24.26
CA ALA A 156 10.44 -18.22 -24.43
C ALA A 156 10.21 -17.45 -23.12
N ARG A 157 10.51 -18.11 -21.99
CA ARG A 157 10.30 -17.51 -20.69
C ARG A 157 11.56 -16.85 -20.11
N ASN A 158 12.70 -17.45 -20.39
CA ASN A 158 14.00 -16.97 -19.92
C ASN A 158 14.96 -16.77 -21.08
N PRO A 159 14.68 -15.80 -21.97
CA PRO A 159 15.51 -15.74 -23.18
C PRO A 159 16.97 -15.40 -22.90
N GLY A 160 17.82 -15.66 -23.89
CA GLY A 160 19.24 -15.34 -23.78
C GLY A 160 20.09 -16.44 -23.19
N ASN A 161 19.59 -17.68 -23.19
CA ASN A 161 20.43 -18.76 -22.69
C ASN A 161 21.16 -19.47 -23.82
N ALA A 162 22.46 -19.25 -23.87
CA ALA A 162 23.25 -19.82 -24.94
C ALA A 162 23.15 -21.32 -24.95
N ALA A 163 23.49 -21.93 -23.81
CA ALA A 163 23.54 -23.39 -23.69
C ALA A 163 22.20 -24.05 -23.99
N LEU A 164 21.13 -23.48 -23.45
CA LEU A 164 19.80 -24.02 -23.68
C LEU A 164 19.47 -23.91 -25.17
N GLN A 165 19.76 -22.76 -25.79
CA GLN A 165 19.46 -22.56 -27.21
C GLN A 165 20.26 -23.49 -28.10
N ASN A 166 21.47 -23.77 -27.68
CA ASN A 166 22.37 -24.69 -28.35
C ASN A 166 21.78 -26.11 -28.35
N SER A 167 21.47 -26.60 -27.15
CA SER A 167 20.86 -27.90 -26.99
C SER A 167 19.53 -28.00 -27.71
N LEU A 168 18.74 -26.94 -27.66
CA LEU A 168 17.44 -26.93 -28.31
C LEU A 168 17.57 -27.00 -29.83
N ALA A 169 18.54 -26.26 -30.36
CA ALA A 169 18.83 -26.23 -31.79
C ALA A 169 19.31 -27.61 -32.30
N GLN A 170 20.25 -28.20 -31.56
CA GLN A 170 20.76 -29.49 -31.94
C GLN A 170 19.69 -30.57 -31.83
N LEU A 171 18.83 -30.45 -30.84
CA LEU A 171 17.75 -31.42 -30.66
C LEU A 171 16.80 -31.34 -31.81
N LEU A 172 16.46 -30.12 -32.19
CA LEU A 172 15.50 -29.89 -33.26
C LEU A 172 16.08 -30.34 -34.59
N PHE A 173 17.40 -30.28 -34.72
CA PHE A 173 18.06 -30.81 -35.92
C PHE A 173 17.98 -32.33 -35.91
N GLY A 174 18.20 -32.88 -34.71
CA GLY A 174 18.21 -34.31 -34.47
C GLY A 174 16.87 -34.94 -34.77
N GLU A 175 15.85 -34.11 -34.86
CA GLU A 175 14.55 -34.61 -35.24
C GLU A 175 14.04 -34.03 -36.54
N GLY A 176 14.95 -33.53 -37.37
CA GLY A 176 14.54 -32.99 -38.67
C GLY A 176 13.63 -31.78 -38.70
N ARG A 177 13.55 -31.08 -37.57
CA ARG A 177 12.76 -29.88 -37.43
C ARG A 177 13.69 -28.70 -37.71
N ASP A 178 14.20 -28.61 -38.94
CA ASP A 178 15.25 -27.65 -39.23
C ASP A 178 14.75 -26.22 -39.19
N ALA A 179 13.49 -25.98 -39.54
CA ALA A 179 13.02 -24.60 -39.53
C ALA A 179 13.13 -24.01 -38.11
N GLU A 180 12.58 -24.72 -37.13
CA GLU A 180 12.63 -24.28 -35.75
C GLU A 180 14.06 -24.18 -35.24
N ALA A 181 14.93 -25.09 -35.69
CA ALA A 181 16.28 -25.05 -35.18
C ALA A 181 17.01 -23.85 -35.77
N TYR A 182 16.65 -23.50 -36.99
CA TYR A 182 17.19 -22.34 -37.67
C TYR A 182 16.76 -21.10 -36.94
N ALA A 183 15.50 -21.11 -36.50
CA ALA A 183 14.97 -20.01 -35.72
C ALA A 183 15.77 -19.80 -34.44
N VAL A 184 16.00 -20.88 -33.68
CA VAL A 184 16.77 -20.79 -32.44
C VAL A 184 18.22 -20.37 -32.73
N LEU A 185 18.71 -20.71 -33.92
CA LEU A 185 20.05 -20.31 -34.33
C LEU A 185 20.12 -18.82 -34.58
N GLU A 186 19.06 -18.25 -35.15
CA GLU A 186 19.02 -16.81 -35.37
C GLU A 186 18.83 -16.01 -34.08
N GLN A 187 18.06 -16.57 -33.17
CA GLN A 187 17.92 -16.02 -31.83
C GLN A 187 19.27 -16.06 -31.12
N MET A 188 20.07 -17.08 -31.42
CA MET A 188 21.39 -17.19 -30.85
C MET A 188 22.37 -16.32 -31.62
N ALA A 189 21.85 -15.73 -32.69
CA ALA A 189 22.69 -14.95 -33.59
C ALA A 189 22.57 -13.47 -33.31
N LYS A 190 21.44 -13.03 -32.76
CA LYS A 190 21.27 -11.61 -32.48
C LYS A 190 22.07 -11.25 -31.21
N SER A 191 22.25 -12.23 -30.32
CA SER A 191 22.98 -12.02 -29.07
C SER A 191 24.42 -12.45 -29.22
N SER A 192 25.36 -11.69 -28.67
CA SER A 192 26.80 -11.97 -28.79
C SER A 192 27.29 -13.32 -28.25
N ALA A 193 26.66 -13.80 -27.17
CA ALA A 193 27.06 -15.04 -26.49
C ALA A 193 26.61 -16.30 -27.22
N GLY A 194 27.36 -16.73 -28.22
CA GLY A 194 27.05 -17.98 -28.88
C GLY A 194 27.00 -17.86 -30.40
N ARG A 195 27.42 -16.73 -30.94
CA ARG A 195 27.39 -16.53 -32.39
C ARG A 195 28.26 -17.58 -33.03
N GLU A 196 29.46 -17.75 -32.48
CA GLU A 196 30.41 -18.69 -33.05
C GLU A 196 29.82 -20.09 -33.01
N ALA A 197 29.10 -20.40 -31.94
CA ALA A 197 28.42 -21.68 -31.76
C ALA A 197 27.25 -21.84 -32.70
N ALA A 198 26.44 -20.80 -32.82
CA ALA A 198 25.30 -20.81 -33.72
C ALA A 198 25.79 -21.03 -35.17
N ALA A 199 26.85 -20.31 -35.52
CA ALA A 199 27.50 -20.44 -36.81
C ALA A 199 28.05 -21.84 -37.02
N GLY A 200 28.70 -22.35 -35.98
CA GLY A 200 29.23 -23.70 -35.97
C GLY A 200 28.19 -24.76 -36.30
N LEU A 201 27.03 -24.68 -35.67
CA LEU A 201 25.94 -25.59 -35.97
C LEU A 201 25.27 -25.32 -37.30
N TRP A 202 25.26 -24.06 -37.72
CA TRP A 202 24.65 -23.75 -38.99
C TRP A 202 25.64 -24.06 -40.10
N TYR A 203 26.79 -24.60 -39.72
CA TYR A 203 27.80 -24.90 -40.69
C TYR A 203 28.24 -26.33 -40.54
N GLN A 204 27.33 -27.19 -40.09
CA GLN A 204 27.66 -28.58 -39.97
C GLN A 204 26.41 -29.25 -40.46
N GLN A 205 25.58 -28.41 -41.05
CA GLN A 205 24.34 -28.81 -41.68
C GLN A 205 24.52 -28.55 -43.15
N ILE A 206 25.47 -27.67 -43.45
CA ILE A 206 25.80 -27.35 -44.82
C ILE A 206 26.78 -28.39 -45.34
N GLN A 207 27.58 -28.94 -44.43
CA GLN A 207 28.58 -29.96 -44.76
C GLN A 207 27.93 -31.31 -45.03
N ARG A 208 26.73 -31.45 -44.51
CA ARG A 208 26.01 -32.69 -44.63
C ARG A 208 25.08 -32.70 -45.85
N MET A 209 25.00 -31.60 -46.60
CA MET A 209 24.26 -31.62 -47.87
C MET A 209 25.16 -31.59 -49.12
N PRO A 210 24.83 -32.40 -50.14
CA PRO A 210 25.68 -32.45 -51.32
C PRO A 210 25.78 -31.12 -52.05
N VAL A 211 26.93 -30.85 -52.66
CA VAL A 211 27.17 -29.63 -53.42
C VAL A 211 26.10 -29.50 -54.44
N SER A 212 25.27 -28.49 -54.29
CA SER A 212 24.12 -28.39 -55.16
C SER A 212 23.66 -26.95 -55.20
N ASP A 213 22.64 -26.68 -56.01
CA ASP A 213 22.10 -25.34 -56.10
C ASP A 213 21.56 -24.97 -54.71
N ALA A 214 20.71 -25.84 -54.15
CA ALA A 214 20.14 -25.66 -52.82
C ALA A 214 21.23 -25.57 -51.75
N SER A 215 22.32 -26.31 -51.94
CA SER A 215 23.48 -26.22 -51.07
C SER A 215 23.96 -24.80 -51.09
N VAL A 216 24.21 -24.31 -52.31
CA VAL A 216 24.63 -22.93 -52.51
C VAL A 216 23.69 -21.92 -51.85
N LYS A 217 22.37 -22.08 -52.03
CA LYS A 217 21.43 -21.10 -51.49
C LYS A 217 21.37 -21.16 -49.96
N ALA A 218 21.58 -22.35 -49.42
CA ALA A 218 21.64 -22.53 -47.98
C ALA A 218 22.87 -21.85 -47.42
N LEU A 219 23.97 -21.99 -48.14
CA LEU A 219 25.23 -21.39 -47.70
C LEU A 219 25.22 -19.86 -47.82
N GLN A 220 24.55 -19.35 -48.85
CA GLN A 220 24.49 -17.91 -49.00
C GLN A 220 23.52 -17.33 -47.94
N ARG A 221 22.46 -18.08 -47.62
CA ARG A 221 21.55 -17.67 -46.56
C ARG A 221 22.26 -17.63 -45.20
N PHE A 222 23.12 -18.61 -44.96
CA PHE A 222 24.00 -18.58 -43.80
C PHE A 222 24.82 -17.31 -43.84
N LEU A 223 25.23 -16.93 -45.04
CA LEU A 223 26.03 -15.71 -45.22
C LEU A 223 25.20 -14.41 -44.95
N THR A 224 23.88 -14.45 -45.08
CA THR A 224 23.11 -13.27 -44.72
C THR A 224 22.89 -13.24 -43.18
N VAL A 225 22.85 -14.40 -42.54
CA VAL A 225 22.69 -14.42 -41.07
C VAL A 225 23.98 -14.15 -40.29
N PHE A 226 25.12 -14.62 -40.78
CA PHE A 226 26.39 -14.36 -40.09
C PHE A 226 27.31 -13.49 -40.97
N SER A 227 27.90 -12.46 -40.36
CA SER A 227 28.69 -11.47 -41.09
C SER A 227 30.17 -11.77 -41.02
N SER A 228 30.65 -12.05 -39.82
CA SER A 228 32.07 -12.29 -39.57
C SER A 228 32.26 -13.40 -38.53
N GLY A 229 33.50 -13.79 -38.29
CA GLY A 229 33.78 -15.03 -37.56
C GLY A 229 34.86 -15.77 -38.32
N ASP A 230 35.01 -17.07 -38.15
CA ASP A 230 35.96 -17.81 -39.01
C ASP A 230 35.27 -18.91 -39.74
N THR A 231 34.10 -19.30 -39.27
CA THR A 231 33.26 -20.20 -40.03
C THR A 231 32.69 -19.39 -41.19
N VAL A 232 32.52 -18.09 -40.98
CA VAL A 232 32.01 -17.27 -42.08
C VAL A 232 32.98 -17.18 -43.23
N ASP A 233 34.27 -17.03 -42.92
CA ASP A 233 35.30 -16.97 -43.97
C ASP A 233 35.31 -18.25 -44.79
N SER A 234 35.29 -19.38 -44.08
CA SER A 234 35.30 -20.70 -44.72
C SER A 234 34.02 -20.92 -45.50
N ALA A 235 32.95 -20.31 -45.02
CA ALA A 235 31.67 -20.38 -45.69
C ALA A 235 31.77 -19.64 -47.03
N ARG A 236 32.43 -18.49 -47.05
CA ARG A 236 32.59 -17.76 -48.30
C ARG A 236 33.49 -18.50 -49.25
N THR A 237 34.62 -18.99 -48.75
CA THR A 237 35.56 -19.73 -49.59
C THR A 237 34.88 -20.91 -50.28
N GLN A 238 34.23 -21.74 -49.47
CA GLN A 238 33.58 -22.91 -50.01
C GLN A 238 32.31 -22.55 -50.78
N LEU A 239 31.75 -21.39 -50.55
CA LEU A 239 30.64 -20.94 -51.37
C LEU A 239 31.11 -20.66 -52.80
N ALA A 240 32.20 -19.92 -52.91
CA ALA A 240 32.81 -19.63 -54.21
C ALA A 240 33.18 -20.93 -54.93
N ALA A 241 33.80 -21.84 -54.19
CA ALA A 241 34.20 -23.11 -54.76
C ALA A 241 32.98 -23.87 -55.25
N GLN A 242 31.90 -23.83 -54.46
CA GLN A 242 30.72 -24.60 -54.80
C GLN A 242 30.06 -24.08 -56.05
N GLN A 243 29.95 -22.77 -56.16
CA GLN A 243 29.25 -22.25 -57.32
C GLN A 243 30.12 -22.16 -58.56
N LYS A 244 31.44 -22.29 -58.35
CA LYS A 244 32.36 -22.41 -59.48
C LYS A 244 32.27 -23.82 -60.04
N GLN A 245 31.94 -24.79 -59.18
CA GLN A 245 31.89 -26.19 -59.57
C GLN A 245 30.65 -26.44 -60.46
N LEU A 246 29.69 -25.52 -60.48
CA LEU A 246 28.63 -25.65 -61.48
C LEU A 246 29.14 -25.16 -62.84
N ALA A 247 28.87 -25.98 -63.86
CA ALA A 247 29.15 -25.78 -65.30
C ALA A 247 30.55 -26.33 -65.64
N ASP A 248 31.01 -27.30 -64.85
CA ASP A 248 32.39 -27.80 -64.90
C ASP A 248 33.38 -26.63 -64.81
N ASP B 4 2.41 -8.76 15.65
CA ASP B 4 3.55 -8.83 16.56
C ASP B 4 4.37 -7.52 16.58
N GLU B 5 5.11 -7.31 17.67
CA GLU B 5 5.86 -6.06 17.89
C GLU B 5 7.34 -6.16 17.48
N PRO B 6 7.74 -5.40 16.46
CA PRO B 6 9.09 -5.50 15.94
C PRO B 6 10.07 -4.64 16.72
N THR B 7 11.34 -4.97 16.64
CA THR B 7 12.39 -4.10 17.12
C THR B 7 12.52 -2.89 16.19
N ALA B 8 13.42 -1.97 16.51
CA ALA B 8 13.55 -0.78 15.71
C ALA B 8 14.28 -1.04 14.40
N GLN B 9 15.31 -1.90 14.42
CA GLN B 9 15.99 -2.25 13.18
C GLN B 9 15.03 -2.93 12.25
N GLN B 10 14.08 -3.67 12.82
CA GLN B 10 13.14 -4.45 12.02
C GLN B 10 12.09 -3.57 11.35
N GLN B 11 11.63 -2.55 12.07
CA GLN B 11 10.68 -1.61 11.54
C GLN B 11 11.34 -0.72 10.51
N LEU B 12 12.56 -0.31 10.82
CA LEU B 12 13.30 0.54 9.91
C LEU B 12 13.65 -0.20 8.61
N LEU B 13 14.03 -1.46 8.73
CA LEU B 13 14.31 -2.29 7.57
C LEU B 13 13.04 -2.55 6.79
N SER B 14 11.95 -2.70 7.54
CA SER B 14 10.64 -2.90 6.94
C SER B 14 10.26 -1.74 6.05
N GLN B 15 10.53 -0.54 6.55
CA GLN B 15 10.26 0.71 5.83
C GLN B 15 11.16 0.86 4.63
N VAL B 16 12.40 0.40 4.79
CA VAL B 16 13.35 0.40 3.67
C VAL B 16 12.72 -0.41 2.57
N ARG B 17 12.18 -1.55 2.98
CA ARG B 17 11.60 -2.46 2.06
C ARG B 17 10.34 -1.88 1.41
N LEU B 18 9.56 -1.14 2.18
CA LEU B 18 8.37 -0.49 1.63
C LEU B 18 8.79 0.51 0.55
N GLY B 19 9.84 1.28 0.83
CA GLY B 19 10.32 2.23 -0.13
C GLY B 19 10.80 1.58 -1.40
N GLU B 20 11.44 0.43 -1.26
CA GLU B 20 11.91 -0.29 -2.43
C GLU B 20 10.71 -0.73 -3.26
N ALA B 21 9.68 -1.21 -2.56
CA ALA B 21 8.49 -1.75 -3.23
C ALA B 21 7.71 -0.68 -3.96
N THR B 22 7.64 0.51 -3.37
CA THR B 22 6.84 1.60 -3.93
C THR B 22 7.64 2.56 -4.79
N LYS B 23 8.89 2.19 -5.08
CA LYS B 23 9.79 2.99 -5.90
C LYS B 23 9.95 4.39 -5.32
N ARG B 24 9.83 4.50 -4.00
CA ARG B 24 9.95 5.80 -3.37
C ARG B 24 11.20 5.90 -2.47
N GLU B 25 12.23 6.57 -3.00
CA GLU B 25 13.56 6.52 -2.39
C GLU B 25 13.74 7.58 -1.31
N ASP B 26 12.75 8.43 -1.14
CA ASP B 26 12.68 9.32 0.00
C ASP B 26 12.75 8.46 1.22
N LEU B 27 11.75 7.58 1.28
CA LEU B 27 11.55 6.65 2.38
C LEU B 27 12.78 5.80 2.58
N VAL B 28 13.36 5.31 1.49
CA VAL B 28 14.58 4.52 1.63
C VAL B 28 15.70 5.35 2.27
N ARG B 29 15.91 6.58 1.80
CA ARG B 29 16.99 7.42 2.31
C ARG B 29 16.78 7.70 3.78
N GLN B 30 15.57 8.13 4.15
CA GLN B 30 15.29 8.42 5.56
C GLN B 30 15.45 7.20 6.44
N SER B 31 14.81 6.10 6.04
CA SER B 31 14.83 4.87 6.85
C SER B 31 16.24 4.33 7.00
N LEU B 32 17.03 4.49 5.95
CA LEU B 32 18.42 4.09 5.97
C LEU B 32 19.18 4.98 6.96
N TYR B 33 18.84 6.29 6.99
CA TYR B 33 19.45 7.26 7.92
C TYR B 33 19.28 6.88 9.36
N ARG B 34 18.04 6.63 9.75
CA ARG B 34 17.86 6.25 11.13
C ARG B 34 18.47 4.89 11.41
N LEU B 35 18.47 4.01 10.41
CA LEU B 35 19.12 2.71 10.62
C LEU B 35 20.60 2.90 10.95
N GLU B 36 21.25 3.77 10.21
CA GLU B 36 22.67 4.02 10.36
C GLU B 36 22.99 4.84 11.63
N LEU B 37 21.96 5.38 12.28
CA LEU B 37 22.15 5.93 13.64
C LEU B 37 22.05 4.85 14.72
N ILE B 38 21.17 3.88 14.50
CA ILE B 38 20.98 2.80 15.47
C ILE B 38 22.03 1.70 15.33
N ASP B 39 22.15 1.12 14.13
CA ASP B 39 23.06 0.00 13.87
C ASP B 39 23.71 0.09 12.49
N PRO B 40 24.73 0.94 12.34
CA PRO B 40 25.33 1.20 11.01
C PRO B 40 26.05 0.00 10.38
N ASP B 41 26.53 -0.92 11.22
CA ASP B 41 27.32 -2.03 10.71
C ASP B 41 26.54 -3.36 10.59
N ASN B 42 25.22 -3.32 10.72
CA ASN B 42 24.39 -4.50 10.50
C ASN B 42 24.40 -4.91 9.04
N PRO B 43 24.84 -6.13 8.72
CA PRO B 43 24.95 -6.54 7.32
C PRO B 43 23.65 -6.36 6.51
N ASP B 44 22.50 -6.39 7.17
CA ASP B 44 21.21 -6.16 6.51
C ASP B 44 21.00 -4.71 6.07
N VAL B 45 21.38 -3.78 6.95
CA VAL B 45 21.31 -2.37 6.61
C VAL B 45 22.43 -2.06 5.59
N ILE B 46 23.59 -2.70 5.73
CA ILE B 46 24.63 -2.44 4.75
C ILE B 46 24.17 -2.88 3.40
N ALA B 47 23.47 -4.03 3.35
CA ALA B 47 22.90 -4.52 2.10
C ALA B 47 21.83 -3.57 1.55
N ALA B 48 21.02 -3.01 2.45
CA ALA B 48 19.99 -2.08 2.03
C ALA B 48 20.60 -0.88 1.34
N ARG B 49 21.70 -0.37 1.90
CA ARG B 49 22.37 0.74 1.26
C ARG B 49 23.02 0.33 -0.06
N PHE B 50 23.60 -0.87 -0.11
CA PHE B 50 24.23 -1.41 -1.32
C PHE B 50 23.25 -1.47 -2.49
N ARG B 51 22.10 -2.09 -2.22
CA ARG B 51 21.01 -2.20 -3.17
C ARG B 51 20.57 -0.80 -3.58
N TYR B 52 20.50 0.12 -2.60
CA TYR B 52 20.11 1.48 -2.89
C TYR B 52 21.01 2.17 -3.90
N LEU B 53 22.32 2.03 -3.71
CA LEU B 53 23.29 2.62 -4.62
C LEU B 53 23.24 1.97 -5.99
N LEU B 54 22.99 0.67 -6.02
CA LEU B 54 22.84 -0.03 -7.30
C LEU B 54 21.63 0.53 -8.05
N ARG B 55 20.54 0.80 -7.33
CA ARG B 55 19.33 1.38 -7.90
C ARG B 55 19.59 2.78 -8.43
N GLN B 56 20.55 3.47 -7.84
CA GLN B 56 20.83 4.83 -8.30
C GLN B 56 21.90 4.80 -9.38
N GLY B 57 22.38 3.61 -9.70
CA GLY B 57 23.39 3.44 -10.73
C GLY B 57 24.80 3.85 -10.32
N ASP B 58 25.03 3.94 -9.01
CA ASP B 58 26.34 4.32 -8.48
C ASP B 58 27.13 3.06 -8.14
N ASN B 59 27.62 2.39 -9.18
CA ASN B 59 28.28 1.10 -8.96
C ASN B 59 29.58 1.26 -8.17
N ALA B 60 30.17 2.44 -8.20
CA ALA B 60 31.40 2.69 -7.46
C ALA B 60 31.10 2.60 -5.96
N GLY B 61 30.09 3.37 -5.54
CA GLY B 61 29.63 3.35 -4.17
C GLY B 61 29.10 2.00 -3.76
N ALA B 62 28.39 1.34 -4.67
CA ALA B 62 27.87 0.02 -4.38
C ALA B 62 29.03 -0.90 -4.03
N GLN B 63 30.08 -0.84 -4.85
CA GLN B 63 31.28 -1.65 -4.63
C GLN B 63 31.93 -1.35 -3.29
N LYS B 64 31.89 -0.08 -2.90
CA LYS B 64 32.42 0.33 -1.61
C LYS B 64 31.65 -0.31 -0.44
N GLN B 65 30.32 -0.32 -0.54
CA GLN B 65 29.51 -0.98 0.49
C GLN B 65 29.79 -2.46 0.51
N LEU B 66 30.07 -2.97 -0.68
CA LEU B 66 30.33 -4.39 -0.86
C LEU B 66 31.60 -4.77 -0.12
N ASP B 67 32.61 -3.92 -0.24
CA ASP B 67 33.85 -4.10 0.49
C ASP B 67 33.58 -4.01 1.96
N ARG B 68 32.71 -3.08 2.34
CA ARG B 68 32.39 -2.90 3.74
C ARG B 68 31.82 -4.20 4.31
N MET B 69 30.91 -4.84 3.57
CA MET B 69 30.35 -6.15 3.94
C MET B 69 31.40 -7.26 3.92
N LYS B 70 32.40 -7.11 3.06
CA LYS B 70 33.39 -8.15 2.92
C LYS B 70 34.30 -8.11 4.16
N GLN B 71 34.40 -6.92 4.77
CA GLN B 71 35.25 -6.80 5.96
C GLN B 71 34.47 -7.00 7.24
N LEU B 72 33.17 -6.82 7.18
CA LEU B 72 32.37 -6.99 8.39
C LEU B 72 31.73 -8.34 8.52
N ALA B 73 31.11 -8.84 7.47
CA ALA B 73 30.50 -10.15 7.56
C ALA B 73 30.66 -10.88 6.24
N PRO B 74 31.84 -11.47 6.02
CA PRO B 74 32.19 -12.10 4.75
C PRO B 74 31.41 -13.38 4.51
N ASP B 75 30.87 -13.97 5.57
CA ASP B 75 30.18 -15.24 5.44
C ASP B 75 28.70 -15.09 5.70
N SER B 76 28.25 -13.84 5.63
CA SER B 76 26.83 -13.51 5.76
C SER B 76 26.13 -13.67 4.44
N ALA B 77 24.84 -13.98 4.50
CA ALA B 77 24.05 -14.12 3.30
C ALA B 77 24.05 -12.81 2.57
N ALA B 78 24.05 -11.73 3.35
CA ALA B 78 24.03 -10.36 2.84
C ALA B 78 25.21 -10.12 1.93
N TYR B 79 26.38 -10.53 2.37
CA TYR B 79 27.54 -10.31 1.55
C TYR B 79 27.45 -11.09 0.23
N LYS B 80 27.18 -12.40 0.27
CA LYS B 80 27.24 -13.19 -0.97
C LYS B 80 26.11 -12.84 -1.91
N SER B 81 24.97 -12.50 -1.35
CA SER B 81 23.86 -12.09 -2.16
C SER B 81 24.21 -10.78 -2.85
N SER B 82 24.85 -9.87 -2.12
CA SER B 82 25.24 -8.61 -2.75
C SER B 82 26.35 -8.82 -3.77
N VAL B 83 27.24 -9.76 -3.54
CA VAL B 83 28.30 -10.06 -4.49
C VAL B 83 27.74 -10.55 -5.81
N THR B 84 26.80 -11.49 -5.73
CA THR B 84 26.14 -11.96 -6.94
C THR B 84 25.44 -10.78 -7.63
N SER B 85 24.70 -9.98 -6.84
CA SER B 85 23.95 -8.84 -7.38
C SER B 85 24.82 -7.83 -8.09
N MET B 86 26.04 -7.69 -7.58
CA MET B 86 26.98 -6.73 -8.12
C MET B 86 27.60 -7.29 -9.38
N THR B 87 27.79 -8.61 -9.42
CA THR B 87 28.45 -9.24 -10.54
C THR B 87 27.60 -9.24 -11.79
N LEU B 88 26.30 -9.44 -11.60
CA LEU B 88 25.34 -9.52 -12.70
C LEU B 88 24.55 -8.23 -12.86
N SER B 89 25.17 -7.14 -12.44
CA SER B 89 24.46 -5.89 -12.22
C SER B 89 23.90 -5.38 -13.54
N GLY B 90 24.40 -5.94 -14.63
CA GLY B 90 24.06 -5.47 -15.96
C GLY B 90 24.39 -6.43 -17.09
N ALA B 91 23.73 -6.20 -18.23
CA ALA B 91 23.74 -7.11 -19.38
C ALA B 91 25.05 -7.80 -19.67
N GLU B 92 26.12 -7.03 -19.85
CA GLU B 92 27.39 -7.56 -20.34
C GLU B 92 27.97 -8.66 -19.45
N GLY B 93 27.89 -8.47 -18.13
CA GLY B 93 28.33 -9.47 -17.18
C GLY B 93 27.44 -10.68 -17.21
N ARG B 94 26.15 -10.41 -17.39
CA ARG B 94 25.14 -11.46 -17.49
C ARG B 94 25.41 -12.36 -18.69
N GLN B 95 25.76 -11.76 -19.82
CA GLN B 95 26.05 -12.55 -21.01
C GLN B 95 27.41 -13.20 -20.88
N ALA B 96 28.27 -12.54 -20.12
CA ALA B 96 29.56 -13.11 -19.84
C ALA B 96 29.33 -14.43 -19.11
N LEU B 97 28.37 -14.44 -18.19
CA LEU B 97 28.06 -15.68 -17.49
C LEU B 97 27.46 -16.67 -18.47
N GLN B 98 26.62 -16.19 -19.40
CA GLN B 98 26.00 -17.15 -20.31
C GLN B 98 26.98 -17.84 -21.25
N GLN B 99 27.97 -17.11 -21.73
CA GLN B 99 28.92 -17.71 -22.65
C GLN B 99 30.01 -18.40 -21.89
N ALA B 100 30.20 -18.01 -20.64
CA ALA B 100 31.13 -18.75 -19.82
C ALA B 100 30.58 -20.17 -19.64
N ARG B 101 29.31 -20.31 -19.30
CA ARG B 101 28.84 -21.69 -19.10
C ARG B 101 28.61 -22.38 -20.44
N LEU B 102 28.45 -21.61 -21.52
CA LEU B 102 28.36 -22.20 -22.84
C LEU B 102 29.65 -22.91 -23.20
N GLN B 103 30.75 -22.21 -22.98
CA GLN B 103 32.04 -22.79 -23.31
C GLN B 103 32.35 -23.86 -22.29
N ALA B 104 31.74 -23.76 -21.11
CA ALA B 104 32.04 -24.71 -20.05
C ALA B 104 31.40 -26.06 -20.34
N THR B 105 30.19 -26.06 -20.90
CA THR B 105 29.51 -27.33 -21.18
C THR B 105 30.00 -27.91 -22.50
N THR B 106 30.35 -27.06 -23.47
CA THR B 106 30.81 -27.62 -24.75
C THR B 106 32.25 -28.17 -24.63
N GLY B 107 32.91 -27.89 -23.51
CA GLY B 107 34.22 -28.46 -23.22
C GLY B 107 35.40 -27.62 -23.65
N HIS B 108 35.11 -26.37 -24.02
CA HIS B 108 36.14 -25.38 -24.29
C HIS B 108 36.55 -24.73 -22.96
N VAL B 109 37.22 -25.49 -22.10
CA VAL B 109 37.47 -25.09 -20.72
C VAL B 109 38.32 -23.81 -20.55
N PRO B 110 39.42 -23.66 -21.31
CA PRO B 110 40.18 -22.43 -21.07
C PRO B 110 39.42 -21.15 -21.47
N GLU B 111 38.77 -21.13 -22.63
CA GLU B 111 37.98 -19.96 -23.04
C GLU B 111 36.92 -19.62 -22.01
N ALA B 112 36.28 -20.67 -21.50
CA ALA B 112 35.28 -20.56 -20.47
C ALA B 112 35.83 -19.93 -19.18
N LEU B 113 36.95 -20.48 -18.72
CA LEU B 113 37.63 -19.98 -17.53
C LEU B 113 38.06 -18.52 -17.74
N ALA B 114 38.38 -18.17 -18.98
CA ALA B 114 38.75 -16.81 -19.37
C ALA B 114 37.59 -15.84 -19.19
N ALA B 115 36.40 -16.23 -19.67
CA ALA B 115 35.19 -15.41 -19.47
C ALA B 115 34.83 -15.28 -17.99
N TYR B 116 34.93 -16.37 -17.23
CA TYR B 116 34.70 -16.32 -15.79
C TYR B 116 35.64 -15.38 -15.07
N ASP B 117 36.92 -15.43 -15.45
CA ASP B 117 37.94 -14.56 -14.87
C ASP B 117 37.66 -13.10 -15.22
N ALA B 118 37.22 -12.86 -16.45
CA ALA B 118 36.85 -11.54 -16.92
C ALA B 118 35.66 -10.98 -16.18
N LEU B 119 34.74 -11.87 -15.86
CA LEU B 119 33.51 -11.50 -15.19
C LEU B 119 33.76 -11.17 -13.72
N PHE B 120 34.42 -12.07 -13.01
CA PHE B 120 34.62 -11.93 -11.58
C PHE B 120 35.72 -10.95 -11.14
N LYS B 121 36.46 -10.38 -12.09
CA LYS B 121 37.58 -9.48 -11.79
C LYS B 121 37.22 -8.44 -10.71
N GLY B 122 37.99 -8.50 -9.62
CA GLY B 122 37.87 -7.56 -8.49
C GLY B 122 36.89 -8.00 -7.41
N ASN B 123 36.09 -9.00 -7.74
CA ASN B 123 35.15 -9.61 -6.78
C ASN B 123 35.14 -11.13 -6.81
N PRO B 124 35.86 -11.78 -5.87
CA PRO B 124 35.93 -13.25 -5.88
C PRO B 124 34.54 -13.84 -5.76
N PRO B 125 34.33 -14.98 -6.40
CA PRO B 125 33.02 -15.61 -6.43
C PRO B 125 32.56 -15.97 -5.04
N GLU B 126 31.25 -15.92 -4.82
CA GLU B 126 30.67 -16.36 -3.57
C GLU B 126 29.43 -17.15 -3.93
N GLY B 127 29.06 -18.12 -3.10
CA GLY B 127 27.81 -18.82 -3.37
C GLY B 127 27.91 -20.04 -4.23
N ASP B 128 26.85 -20.33 -4.97
CA ASP B 128 26.85 -21.46 -5.88
C ASP B 128 27.78 -21.13 -7.03
N LEU B 129 27.93 -19.83 -7.30
CA LEU B 129 28.82 -19.39 -8.36
C LEU B 129 30.24 -19.80 -8.03
N ALA B 130 30.62 -19.69 -6.76
CA ALA B 130 31.96 -20.09 -6.33
C ALA B 130 32.21 -21.57 -6.57
N VAL B 131 31.22 -22.40 -6.21
CA VAL B 131 31.34 -23.83 -6.44
C VAL B 131 31.53 -24.11 -7.91
N GLU B 132 30.69 -23.50 -8.72
CA GLU B 132 30.77 -23.70 -10.16
C GLU B 132 32.14 -23.32 -10.70
N TYR B 133 32.55 -22.09 -10.39
CA TYR B 133 33.79 -21.54 -10.89
C TYR B 133 34.98 -22.37 -10.48
N TRP B 134 35.14 -22.56 -9.18
CA TRP B 134 36.32 -23.26 -8.67
C TRP B 134 36.33 -24.74 -9.05
N ALA B 135 35.17 -25.31 -9.34
CA ALA B 135 35.15 -26.67 -9.87
C ALA B 135 35.73 -26.66 -11.29
N LEU B 136 35.32 -25.69 -12.11
CA LEU B 136 35.89 -25.58 -13.47
C LEU B 136 37.40 -25.31 -13.48
N VAL B 137 37.85 -24.46 -12.56
CA VAL B 137 39.28 -24.16 -12.41
C VAL B 137 40.03 -25.40 -11.93
N ALA B 138 39.40 -26.17 -11.04
CA ALA B 138 40.05 -27.34 -10.48
C ALA B 138 40.32 -28.39 -11.55
N LYS B 139 39.59 -28.32 -12.66
CA LYS B 139 39.79 -29.25 -13.75
C LYS B 139 41.10 -28.95 -14.50
N VAL B 140 41.57 -27.70 -14.40
CA VAL B 140 42.89 -27.35 -14.93
C VAL B 140 44.02 -27.54 -13.91
N PRO B 141 45.03 -28.38 -14.26
CA PRO B 141 46.16 -28.77 -13.39
C PRO B 141 47.01 -27.61 -12.87
N ALA B 142 47.31 -26.64 -13.72
CA ALA B 142 48.15 -25.50 -13.34
C ALA B 142 47.56 -24.58 -12.27
N ARG B 143 46.38 -24.93 -11.76
CA ARG B 143 45.70 -24.15 -10.73
C ARG B 143 45.02 -25.11 -9.76
N ARG B 144 45.13 -26.41 -10.07
CA ARG B 144 44.34 -27.50 -9.46
C ARG B 144 44.30 -27.50 -7.94
N SER B 145 45.41 -27.16 -7.31
CA SER B 145 45.48 -27.21 -5.86
C SER B 145 44.83 -26.00 -5.22
N GLU B 146 44.96 -24.83 -5.85
CA GLU B 146 44.33 -23.65 -5.30
C GLU B 146 42.83 -23.79 -5.25
N ALA B 147 42.27 -24.28 -6.34
CA ALA B 147 40.85 -24.53 -6.42
C ALA B 147 40.50 -25.47 -5.29
N ILE B 148 41.37 -26.47 -5.08
CA ILE B 148 41.14 -27.40 -3.98
C ILE B 148 41.05 -26.67 -2.64
N THR B 149 41.98 -25.77 -2.36
CA THR B 149 41.91 -25.02 -1.11
C THR B 149 40.55 -24.30 -1.05
N GLN B 150 40.17 -23.61 -2.13
CA GLN B 150 38.91 -22.89 -2.16
C GLN B 150 37.73 -23.83 -1.95
N LEU B 151 37.81 -25.00 -2.59
CA LEU B 151 36.74 -25.98 -2.49
C LEU B 151 36.73 -26.49 -1.05
N LYS B 152 37.90 -26.62 -0.43
CA LYS B 152 37.94 -27.02 0.95
C LYS B 152 37.19 -26.01 1.78
N ALA B 153 37.41 -24.73 1.47
CA ALA B 153 36.70 -23.67 2.15
C ALA B 153 35.20 -23.87 1.97
N LEU B 154 34.77 -24.08 0.73
CA LEU B 154 33.35 -24.24 0.45
C LEU B 154 32.77 -25.46 1.15
N ASN B 155 33.62 -26.43 1.46
CA ASN B 155 33.12 -27.59 2.16
C ASN B 155 33.08 -27.32 3.67
N ALA B 156 34.06 -26.57 4.15
CA ALA B 156 34.18 -26.33 5.59
C ALA B 156 33.39 -25.13 6.10
N ARG B 157 33.10 -24.19 5.20
CA ARG B 157 32.46 -22.93 5.53
C ARG B 157 30.97 -22.97 5.27
N ASN B 158 30.57 -23.87 4.38
CA ASN B 158 29.17 -24.07 4.03
C ASN B 158 28.78 -25.53 4.28
N PRO B 159 27.48 -25.83 4.35
CA PRO B 159 27.20 -27.24 4.67
C PRO B 159 27.56 -28.19 3.52
N GLY B 160 27.68 -29.46 3.89
CA GLY B 160 28.00 -30.53 2.97
C GLY B 160 27.21 -30.61 1.68
N ASN B 161 27.93 -30.43 0.58
CA ASN B 161 27.41 -30.64 -0.76
C ASN B 161 27.96 -31.94 -1.34
N ALA B 162 27.09 -32.93 -1.58
CA ALA B 162 27.55 -34.25 -2.03
C ALA B 162 28.45 -34.20 -3.26
N ALA B 163 28.02 -33.57 -4.35
CA ALA B 163 28.86 -33.52 -5.55
C ALA B 163 30.18 -32.83 -5.21
N LEU B 164 30.11 -31.75 -4.44
CA LEU B 164 31.31 -31.02 -4.03
C LEU B 164 32.27 -31.90 -3.21
N GLN B 165 31.73 -32.61 -2.22
CA GLN B 165 32.55 -33.49 -1.37
C GLN B 165 33.17 -34.64 -2.17
N ASN B 166 32.43 -35.11 -3.15
CA ASN B 166 32.91 -36.14 -4.06
C ASN B 166 34.09 -35.67 -4.89
N SER B 167 33.86 -34.62 -5.70
CA SER B 167 34.89 -34.07 -6.57
C SER B 167 36.11 -33.61 -5.80
N LEU B 168 35.89 -33.02 -4.62
CA LEU B 168 37.00 -32.63 -3.77
C LEU B 168 37.76 -33.86 -3.27
N ALA B 169 37.04 -34.92 -2.91
CA ALA B 169 37.72 -36.14 -2.45
C ALA B 169 38.62 -36.74 -3.53
N GLN B 170 38.09 -36.97 -4.72
CA GLN B 170 38.89 -37.56 -5.81
C GLN B 170 39.98 -36.58 -6.28
N LEU B 171 39.72 -35.29 -6.14
CA LEU B 171 40.76 -34.32 -6.46
C LEU B 171 41.92 -34.46 -5.50
N LEU B 172 41.62 -34.58 -4.21
CA LEU B 172 42.65 -34.73 -3.20
C LEU B 172 43.38 -36.06 -3.31
N PHE B 173 42.67 -37.09 -3.78
CA PHE B 173 43.25 -38.40 -4.05
C PHE B 173 44.22 -38.38 -5.22
N GLY B 174 43.91 -37.58 -6.23
CA GLY B 174 44.78 -37.51 -7.40
C GLY B 174 46.15 -36.97 -7.05
N GLU B 175 46.25 -36.22 -5.96
CA GLU B 175 47.56 -35.77 -5.48
C GLU B 175 47.81 -36.32 -4.08
N GLY B 176 48.82 -35.83 -3.37
CA GLY B 176 49.18 -36.44 -2.10
C GLY B 176 48.45 -36.16 -0.80
N ARG B 177 47.32 -35.47 -0.84
CA ARG B 177 46.58 -35.18 0.40
C ARG B 177 45.50 -36.23 0.65
N ASP B 178 45.92 -37.48 0.79
CA ASP B 178 44.98 -38.60 0.87
C ASP B 178 44.28 -38.65 2.20
N ALA B 179 44.95 -38.17 3.24
CA ALA B 179 44.39 -38.15 4.58
C ALA B 179 43.12 -37.30 4.66
N GLU B 180 43.22 -36.04 4.22
CA GLU B 180 42.08 -35.11 4.22
C GLU B 180 40.96 -35.60 3.30
N ALA B 181 41.32 -36.32 2.24
CA ALA B 181 40.33 -36.87 1.32
C ALA B 181 39.59 -38.02 1.99
N TYR B 182 40.26 -38.73 2.87
CA TYR B 182 39.59 -39.75 3.67
C TYR B 182 38.63 -39.03 4.61
N ALA B 183 39.09 -37.90 5.15
CA ALA B 183 38.25 -37.08 6.02
C ALA B 183 36.98 -36.61 5.33
N VAL B 184 37.11 -35.99 4.17
CA VAL B 184 35.96 -35.50 3.39
C VAL B 184 35.06 -36.65 2.92
N LEU B 185 35.65 -37.83 2.72
CA LEU B 185 34.86 -38.98 2.34
C LEU B 185 33.97 -39.37 3.54
N GLU B 186 34.52 -39.22 4.74
CA GLU B 186 33.69 -39.49 5.90
C GLU B 186 32.68 -38.36 6.10
N GLN B 187 33.02 -37.13 5.71
CA GLN B 187 32.00 -36.06 5.77
C GLN B 187 30.82 -36.42 4.87
N MET B 188 31.09 -37.02 3.72
CA MET B 188 29.99 -37.45 2.86
C MET B 188 29.55 -38.86 3.20
N ALA B 189 29.91 -39.30 4.39
CA ALA B 189 29.43 -40.60 4.87
C ALA B 189 28.26 -40.41 5.86
N LYS B 190 28.15 -39.23 6.49
CA LYS B 190 27.03 -38.93 7.40
C LYS B 190 25.79 -38.53 6.62
N SER B 191 25.98 -38.08 5.38
CA SER B 191 24.86 -37.63 4.60
C SER B 191 24.35 -38.81 3.83
N SER B 192 23.03 -39.00 3.79
CA SER B 192 22.42 -40.14 3.12
C SER B 192 22.84 -40.12 1.65
N ALA B 193 22.98 -38.89 1.15
CA ALA B 193 23.38 -38.63 -0.21
C ALA B 193 24.88 -38.85 -0.36
N GLY B 194 25.29 -39.73 -1.26
CA GLY B 194 26.69 -39.94 -1.52
C GLY B 194 27.45 -40.96 -0.68
N ARG B 195 26.78 -41.71 0.22
CA ARG B 195 27.50 -42.69 1.05
C ARG B 195 28.06 -43.89 0.33
N GLU B 196 27.20 -44.57 -0.41
CA GLU B 196 27.64 -45.80 -1.07
C GLU B 196 28.67 -45.40 -2.10
N ALA B 197 28.48 -44.20 -2.61
CA ALA B 197 29.41 -43.62 -3.55
C ALA B 197 30.72 -43.29 -2.85
N ALA B 198 30.67 -42.69 -1.66
CA ALA B 198 31.90 -42.34 -0.96
C ALA B 198 32.75 -43.55 -0.55
N ALA B 199 32.14 -44.47 0.19
CA ALA B 199 32.78 -45.71 0.62
C ALA B 199 33.19 -46.56 -0.59
N GLY B 200 32.33 -46.56 -1.61
CA GLY B 200 32.62 -47.21 -2.89
C GLY B 200 33.93 -46.68 -3.48
N LEU B 201 34.09 -45.36 -3.40
CA LEU B 201 35.28 -44.66 -3.85
C LEU B 201 36.43 -44.94 -2.91
N TRP B 202 36.11 -45.39 -1.70
CA TRP B 202 37.17 -45.72 -0.77
C TRP B 202 37.73 -47.07 -1.14
N TYR B 203 36.91 -47.97 -1.69
CA TYR B 203 37.45 -49.28 -2.09
C TYR B 203 38.47 -49.16 -3.22
N GLN B 204 38.17 -48.46 -4.31
CA GLN B 204 39.16 -48.34 -5.40
C GLN B 204 40.50 -47.70 -4.93
N GLN B 205 40.70 -47.57 -3.62
CA GLN B 205 41.97 -47.14 -3.03
C GLN B 205 42.55 -48.28 -2.16
N ILE B 206 41.68 -49.25 -1.88
CA ILE B 206 41.93 -50.47 -1.10
C ILE B 206 42.57 -51.58 -1.98
N GLN B 207 42.55 -51.43 -3.31
CA GLN B 207 43.09 -52.44 -4.19
C GLN B 207 44.64 -52.52 -4.22
N ARG B 208 45.37 -51.43 -3.95
CA ARG B 208 46.84 -51.48 -4.12
C ARG B 208 47.45 -51.96 -2.80
N MET B 209 46.54 -52.29 -1.88
CA MET B 209 46.80 -53.00 -0.63
C MET B 209 47.25 -54.45 -0.94
N PRO B 210 48.11 -55.05 -0.07
CA PRO B 210 48.56 -56.42 -0.36
C PRO B 210 47.42 -57.43 -0.46
N SER B 228 25.61 -50.92 6.05
CA SER B 228 25.49 -52.01 5.06
C SER B 228 25.00 -51.54 3.68
N GLY B 229 25.69 -51.98 2.62
CA GLY B 229 25.28 -51.71 1.24
C GLY B 229 25.61 -52.89 0.29
N ASP B 230 25.35 -52.73 -1.00
CA ASP B 230 25.73 -53.77 -1.98
C ASP B 230 27.26 -53.82 -2.11
N THR B 231 27.87 -52.64 -2.24
CA THR B 231 29.33 -52.49 -2.34
C THR B 231 30.06 -52.93 -1.05
N VAL B 232 29.42 -52.70 0.09
CA VAL B 232 29.94 -53.09 1.41
C VAL B 232 29.91 -54.62 1.62
N ASP B 233 28.81 -55.26 1.19
CA ASP B 233 28.69 -56.71 1.24
C ASP B 233 29.60 -57.38 0.21
N SER B 234 29.80 -56.75 -0.95
CA SER B 234 30.69 -57.27 -2.00
C SER B 234 32.18 -57.10 -1.65
N ALA B 235 32.49 -56.11 -0.80
CA ALA B 235 33.87 -55.90 -0.33
C ALA B 235 34.22 -56.71 0.93
N ARG B 236 33.30 -56.77 1.90
CA ARG B 236 33.50 -57.58 3.11
C ARG B 236 33.67 -59.10 2.84
N THR B 237 32.71 -59.68 2.13
CA THR B 237 32.70 -61.12 1.84
C THR B 237 33.89 -61.54 0.98
N GLN B 238 34.44 -60.58 0.26
CA GLN B 238 35.61 -60.79 -0.60
C GLN B 238 36.68 -59.71 -0.36
N PRO C 6 -18.79 -5.34 -10.39
CA PRO C 6 -18.10 -4.10 -10.81
C PRO C 6 -16.60 -4.32 -10.96
N THR C 7 -15.95 -3.55 -11.84
CA THR C 7 -14.49 -3.62 -12.02
C THR C 7 -13.79 -3.14 -10.76
N ALA C 8 -12.60 -3.66 -10.48
CA ALA C 8 -11.90 -3.22 -9.27
C ALA C 8 -11.42 -1.80 -9.55
N GLN C 9 -11.11 -1.51 -10.80
CA GLN C 9 -10.80 -0.16 -11.21
C GLN C 9 -11.98 0.74 -10.94
N GLN C 10 -13.18 0.18 -11.10
CA GLN C 10 -14.38 0.98 -10.91
C GLN C 10 -14.64 1.28 -9.46
N GLN C 11 -14.42 0.31 -8.58
CA GLN C 11 -14.63 0.51 -7.15
C GLN C 11 -13.56 1.43 -6.57
N LEU C 12 -12.32 1.30 -7.07
CA LEU C 12 -11.26 2.21 -6.64
C LEU C 12 -11.57 3.63 -7.09
N LEU C 13 -12.10 3.79 -8.30
CA LEU C 13 -12.49 5.11 -8.77
C LEU C 13 -13.61 5.69 -7.94
N SER C 14 -14.53 4.83 -7.54
CA SER C 14 -15.63 5.20 -6.66
C SER C 14 -15.11 5.71 -5.32
N GLN C 15 -14.13 5.02 -4.78
CA GLN C 15 -13.51 5.48 -3.55
C GLN C 15 -12.80 6.82 -3.77
N VAL C 16 -12.17 7.00 -4.94
CA VAL C 16 -11.57 8.30 -5.27
C VAL C 16 -12.58 9.44 -5.30
N ARG C 17 -13.71 9.24 -5.97
CA ARG C 17 -14.71 10.30 -6.04
C ARG C 17 -15.33 10.51 -4.66
N LEU C 18 -15.45 9.45 -3.88
CA LEU C 18 -15.96 9.61 -2.54
C LEU C 18 -15.04 10.48 -1.73
N GLY C 19 -13.74 10.21 -1.81
CA GLY C 19 -12.78 10.98 -1.07
C GLY C 19 -12.84 12.44 -1.50
N GLU C 20 -13.03 12.66 -2.79
CA GLU C 20 -13.14 14.01 -3.31
C GLU C 20 -14.35 14.77 -2.76
N ALA C 21 -15.49 14.08 -2.64
CA ALA C 21 -16.69 14.75 -2.12
C ALA C 21 -16.56 15.02 -0.65
N THR C 22 -15.96 14.11 0.11
CA THR C 22 -15.91 14.28 1.55
C THR C 22 -14.65 15.00 2.01
N LYS C 23 -13.91 15.58 1.04
CA LYS C 23 -12.72 16.37 1.34
C LYS C 23 -11.69 15.55 2.16
N ARG C 24 -11.62 14.25 1.89
CA ARG C 24 -10.64 13.38 2.54
C ARG C 24 -9.58 12.93 1.54
N GLU C 25 -8.39 13.52 1.60
CA GLU C 25 -7.41 13.21 0.57
C GLU C 25 -6.50 12.04 0.93
N ASP C 26 -6.58 11.54 2.17
CA ASP C 26 -5.98 10.25 2.53
C ASP C 26 -6.58 9.12 1.64
N LEU C 27 -7.92 9.08 1.62
CA LEU C 27 -8.63 8.14 0.78
C LEU C 27 -8.33 8.29 -0.72
N VAL C 28 -8.34 9.53 -1.24
CA VAL C 28 -8.03 9.72 -2.66
C VAL C 28 -6.60 9.27 -2.91
N ARG C 29 -5.68 9.58 -1.99
CA ARG C 29 -4.26 9.23 -2.10
C ARG C 29 -4.06 7.73 -2.25
N GLN C 30 -4.69 7.00 -1.33
CA GLN C 30 -4.67 5.55 -1.32
C GLN C 30 -5.25 4.90 -2.58
N SER C 31 -6.49 5.27 -2.89
CA SER C 31 -7.18 4.69 -4.04
C SER C 31 -6.53 5.07 -5.36
N LEU C 32 -6.06 6.31 -5.47
CA LEU C 32 -5.37 6.73 -6.68
C LEU C 32 -4.07 5.98 -6.90
N TYR C 33 -3.36 5.74 -5.80
CA TYR C 33 -2.13 5.00 -5.90
C TYR C 33 -2.40 3.61 -6.43
N ARG C 34 -3.37 2.92 -5.84
CA ARG C 34 -3.62 1.55 -6.30
C ARG C 34 -4.14 1.56 -7.76
N LEU C 35 -4.88 2.60 -8.12
CA LEU C 35 -5.29 2.78 -9.51
C LEU C 35 -4.11 2.97 -10.48
N GLU C 36 -3.10 3.74 -10.08
CA GLU C 36 -1.94 4.00 -10.93
C GLU C 36 -0.97 2.79 -10.99
N LEU C 37 -1.14 1.87 -10.04
CA LEU C 37 -0.37 0.63 -10.09
C LEU C 37 -1.08 -0.35 -11.00
N ILE C 38 -2.41 -0.26 -10.99
CA ILE C 38 -3.27 -1.17 -11.75
C ILE C 38 -3.40 -0.79 -13.22
N ASP C 39 -3.82 0.42 -13.50
CA ASP C 39 -3.99 0.89 -14.88
C ASP C 39 -3.47 2.31 -15.03
N PRO C 40 -2.17 2.45 -15.23
CA PRO C 40 -1.54 3.76 -15.25
C PRO C 40 -2.02 4.61 -16.41
N ASP C 41 -2.47 4.00 -17.50
CA ASP C 41 -2.81 4.83 -18.64
C ASP C 41 -4.33 5.04 -18.82
N ASN C 42 -5.12 4.65 -17.81
CA ASN C 42 -6.56 4.89 -17.84
C ASN C 42 -6.82 6.38 -17.77
N PRO C 43 -7.48 6.95 -18.79
CA PRO C 43 -7.74 8.40 -18.80
C PRO C 43 -8.47 8.88 -17.54
N ASP C 44 -9.27 8.02 -16.91
CA ASP C 44 -9.97 8.32 -15.68
C ASP C 44 -9.05 8.42 -14.47
N VAL C 45 -8.08 7.52 -14.43
CA VAL C 45 -7.08 7.54 -13.38
C VAL C 45 -6.15 8.75 -13.56
N ILE C 46 -5.80 9.02 -14.82
CA ILE C 46 -4.97 10.18 -15.10
C ILE C 46 -5.69 11.48 -14.78
N ALA C 47 -6.97 11.55 -15.16
CA ALA C 47 -7.79 12.74 -14.90
C ALA C 47 -7.96 12.93 -13.40
N ALA C 48 -8.14 11.83 -12.68
CA ALA C 48 -8.26 11.87 -11.22
C ALA C 48 -6.99 12.44 -10.56
N ARG C 49 -5.81 12.01 -11.01
CA ARG C 49 -4.57 12.54 -10.46
C ARG C 49 -4.44 13.98 -10.86
N PHE C 50 -4.90 14.29 -12.06
CA PHE C 50 -4.89 15.65 -12.55
C PHE C 50 -5.61 16.60 -11.59
N ARG C 51 -6.85 16.24 -11.27
CA ARG C 51 -7.64 16.98 -10.29
C ARG C 51 -6.96 17.03 -8.93
N TYR C 52 -6.37 15.91 -8.52
CA TYR C 52 -5.69 15.85 -7.24
C TYR C 52 -4.58 16.88 -7.18
N LEU C 53 -3.78 16.94 -8.23
CA LEU C 53 -2.69 17.90 -8.28
C LEU C 53 -3.19 19.34 -8.31
N LEU C 54 -4.32 19.59 -8.98
CA LEU C 54 -4.89 20.94 -8.98
C LEU C 54 -5.38 21.36 -7.59
N ARG C 55 -5.97 20.43 -6.85
CA ARG C 55 -6.44 20.73 -5.49
C ARG C 55 -5.26 21.10 -4.61
N GLN C 56 -4.09 20.58 -4.97
CA GLN C 56 -2.87 20.79 -4.19
C GLN C 56 -2.10 21.99 -4.69
N GLY C 57 -2.62 22.63 -5.73
CA GLY C 57 -2.01 23.81 -6.31
C GLY C 57 -0.77 23.59 -7.16
N ASP C 58 -0.55 22.35 -7.62
CA ASP C 58 0.60 21.99 -8.47
C ASP C 58 0.24 21.99 -9.94
N ASN C 59 0.10 23.19 -10.50
CA ASN C 59 -0.38 23.33 -11.87
C ASN C 59 0.57 22.79 -12.93
N ALA C 60 1.85 22.67 -12.59
CA ALA C 60 2.83 22.07 -13.48
C ALA C 60 2.53 20.59 -13.65
N GLY C 61 2.46 19.87 -12.53
CA GLY C 61 2.17 18.45 -12.57
C GLY C 61 0.82 18.17 -13.20
N ALA C 62 -0.15 19.01 -12.87
CA ALA C 62 -1.47 18.90 -13.48
C ALA C 62 -1.37 19.07 -15.00
N GLN C 63 -0.60 20.06 -15.44
CA GLN C 63 -0.43 20.29 -16.87
C GLN C 63 0.21 19.08 -17.49
N LYS C 64 1.11 18.44 -16.76
CA LYS C 64 1.75 17.23 -17.25
C LYS C 64 0.75 16.11 -17.52
N GLN C 65 -0.14 15.89 -16.56
CA GLN C 65 -1.17 14.88 -16.73
C GLN C 65 -2.13 15.23 -17.85
N LEU C 66 -2.36 16.53 -18.03
CA LEU C 66 -3.30 17.00 -19.04
C LEU C 66 -2.75 16.69 -20.42
N ASP C 67 -1.47 17.00 -20.62
CA ASP C 67 -0.79 16.70 -21.88
C ASP C 67 -0.67 15.19 -22.13
N ARG C 68 -0.41 14.46 -21.05
CA ARG C 68 -0.34 13.01 -21.13
C ARG C 68 -1.66 12.43 -21.64
N MET C 69 -2.78 12.94 -21.14
CA MET C 69 -4.11 12.57 -21.63
C MET C 69 -4.35 13.01 -23.06
N LYS C 70 -3.71 14.11 -23.44
CA LYS C 70 -3.90 14.67 -24.77
C LYS C 70 -3.16 13.79 -25.79
N GLN C 71 -2.11 13.12 -25.32
CA GLN C 71 -1.31 12.26 -26.17
C GLN C 71 -1.79 10.82 -26.10
N LEU C 72 -2.55 10.51 -25.05
CA LEU C 72 -3.08 9.17 -24.86
C LEU C 72 -4.51 8.98 -25.33
N ALA C 73 -5.40 9.88 -24.93
CA ALA C 73 -6.80 9.79 -25.36
C ALA C 73 -7.42 11.16 -25.54
N PRO C 74 -7.15 11.79 -26.70
CA PRO C 74 -7.56 13.18 -26.94
C PRO C 74 -9.08 13.37 -27.08
N ASP C 75 -9.86 12.32 -27.34
CA ASP C 75 -11.30 12.53 -27.50
C ASP C 75 -12.14 11.87 -26.43
N SER C 76 -11.50 11.55 -25.32
CA SER C 76 -12.20 10.97 -24.19
C SER C 76 -12.81 12.04 -23.35
N ALA C 77 -13.92 11.73 -22.69
CA ALA C 77 -14.60 12.72 -21.85
C ALA C 77 -13.67 13.19 -20.74
N ALA C 78 -12.84 12.27 -20.25
CA ALA C 78 -11.89 12.55 -19.20
C ALA C 78 -10.94 13.68 -19.59
N TYR C 79 -10.38 13.58 -20.79
CA TYR C 79 -9.44 14.58 -21.22
C TYR C 79 -10.11 15.95 -21.32
N LYS C 80 -11.23 16.03 -22.04
CA LYS C 80 -11.87 17.33 -22.33
C LYS C 80 -12.47 17.98 -21.10
N SER C 81 -12.96 17.13 -20.20
CA SER C 81 -13.44 17.59 -18.91
C SER C 81 -12.28 18.16 -18.08
N SER C 82 -11.13 17.48 -18.13
CA SER C 82 -9.95 17.96 -17.40
C SER C 82 -9.45 19.29 -17.96
N VAL C 83 -9.64 19.43 -19.27
CA VAL C 83 -9.31 20.63 -20.02
C VAL C 83 -10.15 21.79 -19.52
N THR C 84 -11.44 21.54 -19.36
CA THR C 84 -12.35 22.54 -18.79
C THR C 84 -11.93 22.91 -17.37
N SER C 85 -11.61 21.92 -16.54
CA SER C 85 -11.14 22.20 -15.18
C SER C 85 -9.87 23.07 -15.18
N MET C 86 -9.00 22.88 -16.17
CA MET C 86 -7.78 23.66 -16.22
C MET C 86 -8.12 25.08 -16.71
N THR C 87 -9.16 25.17 -17.55
CA THR C 87 -9.63 26.45 -18.10
C THR C 87 -10.30 27.27 -17.02
N LEU C 88 -10.85 26.59 -16.03
CA LEU C 88 -11.54 27.26 -14.97
C LEU C 88 -10.61 27.41 -13.81
N SER C 89 -9.38 26.94 -13.99
CA SER C 89 -8.43 26.97 -12.91
C SER C 89 -8.02 28.39 -12.61
N GLY C 90 -7.93 29.19 -13.65
CA GLY C 90 -7.42 30.55 -13.52
C GLY C 90 -8.49 31.60 -13.25
N ALA C 91 -8.02 32.76 -12.79
CA ALA C 91 -8.88 33.88 -12.38
C ALA C 91 -10.07 34.12 -13.31
N GLU C 92 -9.78 34.31 -14.58
CA GLU C 92 -10.79 34.70 -15.56
C GLU C 92 -11.90 33.66 -15.73
N GLY C 93 -11.51 32.39 -15.74
CA GLY C 93 -12.47 31.30 -15.87
C GLY C 93 -13.33 31.30 -14.63
N ARG C 94 -12.71 31.57 -13.49
CA ARG C 94 -13.44 31.64 -12.24
C ARG C 94 -14.54 32.67 -12.35
N GLN C 95 -14.23 33.82 -12.94
CA GLN C 95 -15.20 34.91 -12.98
C GLN C 95 -16.26 34.58 -14.01
N ALA C 96 -15.88 33.83 -15.05
CA ALA C 96 -16.83 33.38 -16.07
C ALA C 96 -17.87 32.46 -15.50
N LEU C 97 -17.40 31.55 -14.66
CA LEU C 97 -18.28 30.63 -13.99
C LEU C 97 -19.13 31.35 -12.94
N GLN C 98 -18.54 32.34 -12.27
CA GLN C 98 -19.25 33.08 -11.22
C GLN C 98 -20.41 33.87 -11.83
N GLN C 99 -20.22 34.35 -13.06
CA GLN C 99 -21.29 35.08 -13.67
C GLN C 99 -22.29 34.13 -14.27
N ALA C 100 -21.84 32.93 -14.63
CA ALA C 100 -22.77 31.90 -15.10
C ALA C 100 -23.72 31.47 -13.99
N ARG C 101 -23.17 31.22 -12.79
CA ARG C 101 -23.99 30.75 -11.68
C ARG C 101 -24.82 31.93 -11.11
N LEU C 102 -24.31 33.16 -11.26
CA LEU C 102 -25.07 34.32 -10.84
C LEU C 102 -26.33 34.44 -11.67
N GLN C 103 -26.17 34.36 -12.99
CA GLN C 103 -27.33 34.54 -13.86
C GLN C 103 -28.21 33.29 -13.70
N ALA C 104 -27.63 32.19 -13.23
CA ALA C 104 -28.43 30.98 -13.09
C ALA C 104 -29.35 31.04 -11.86
N THR C 105 -28.86 31.66 -10.77
CA THR C 105 -29.62 31.73 -9.52
C THR C 105 -30.68 32.86 -9.52
N THR C 106 -30.41 33.96 -10.23
CA THR C 106 -31.32 35.11 -10.28
C THR C 106 -32.54 34.83 -11.21
N GLY C 107 -32.51 33.70 -11.92
CA GLY C 107 -33.62 33.28 -12.75
C GLY C 107 -33.48 33.68 -14.21
N HIS C 108 -32.28 34.14 -14.55
CA HIS C 108 -31.93 34.45 -15.93
C HIS C 108 -31.46 33.20 -16.69
N VAL C 109 -32.38 32.28 -16.95
CA VAL C 109 -31.96 30.96 -17.44
C VAL C 109 -31.25 30.96 -18.81
N PRO C 110 -31.80 31.64 -19.82
CA PRO C 110 -31.15 31.53 -21.14
C PRO C 110 -29.73 32.05 -21.26
N GLU C 111 -29.47 33.22 -20.69
CA GLU C 111 -28.12 33.79 -20.61
C GLU C 111 -27.19 32.86 -19.86
N ALA C 112 -27.69 32.22 -18.79
CA ALA C 112 -26.93 31.21 -18.05
C ALA C 112 -26.54 29.99 -18.94
N LEU C 113 -27.50 29.44 -19.69
CA LEU C 113 -27.14 28.36 -20.61
C LEU C 113 -26.15 28.80 -21.66
N ALA C 114 -26.28 30.03 -22.12
CA ALA C 114 -25.34 30.52 -23.12
C ALA C 114 -23.94 30.58 -22.54
N ALA C 115 -23.84 31.12 -21.32
CA ALA C 115 -22.55 31.20 -20.63
C ALA C 115 -21.93 29.82 -20.38
N TYR C 116 -22.75 28.91 -19.86
CA TYR C 116 -22.32 27.54 -19.60
C TYR C 116 -21.90 26.82 -20.88
N ASP C 117 -22.66 26.99 -21.95
CA ASP C 117 -22.33 26.38 -23.23
C ASP C 117 -21.00 26.92 -23.68
N ALA C 118 -20.79 28.21 -23.45
CA ALA C 118 -19.55 28.86 -23.84
C ALA C 118 -18.35 28.32 -23.09
N LEU C 119 -18.53 28.11 -21.79
CA LEU C 119 -17.46 27.67 -20.90
C LEU C 119 -17.09 26.21 -21.02
N PHE C 120 -18.08 25.35 -20.84
CA PHE C 120 -17.88 23.91 -20.83
C PHE C 120 -17.79 23.33 -22.23
N LYS C 121 -18.35 24.06 -23.21
CA LYS C 121 -18.47 23.58 -24.57
C LYS C 121 -18.85 22.10 -24.63
N GLY C 122 -19.87 21.71 -23.87
CA GLY C 122 -20.41 20.37 -23.94
C GLY C 122 -19.77 19.33 -23.03
N ASN C 123 -18.62 19.65 -22.46
CA ASN C 123 -18.01 18.75 -21.48
C ASN C 123 -17.66 19.47 -20.18
N PRO C 124 -18.66 19.55 -19.27
CA PRO C 124 -18.53 20.19 -17.97
C PRO C 124 -17.55 19.43 -17.12
N PRO C 125 -16.87 20.12 -16.22
CA PRO C 125 -15.91 19.53 -15.30
C PRO C 125 -16.61 18.49 -14.44
N GLU C 126 -15.88 17.46 -14.04
CA GLU C 126 -16.48 16.40 -13.24
C GLU C 126 -17.02 16.88 -11.92
N GLY C 127 -18.00 16.15 -11.40
CA GLY C 127 -18.67 16.49 -10.16
C GLY C 127 -20.01 17.20 -10.31
N ASP C 128 -20.34 18.04 -9.31
CA ASP C 128 -21.64 18.70 -9.24
C ASP C 128 -21.91 19.70 -10.34
N LEU C 129 -20.85 20.27 -10.90
CA LEU C 129 -21.01 21.19 -12.02
C LEU C 129 -21.67 20.49 -13.18
N ALA C 130 -21.31 19.23 -13.36
CA ALA C 130 -21.85 18.44 -14.45
C ALA C 130 -23.35 18.26 -14.32
N VAL C 131 -23.79 17.91 -13.12
CA VAL C 131 -25.20 17.72 -12.86
C VAL C 131 -25.95 19.03 -13.04
N GLU C 132 -25.40 20.10 -12.47
CA GLU C 132 -26.00 21.43 -12.59
C GLU C 132 -26.15 21.82 -14.05
N TYR C 133 -25.08 21.63 -14.81
CA TYR C 133 -25.05 21.96 -16.21
C TYR C 133 -26.08 21.15 -16.98
N TRP C 134 -26.03 19.83 -16.92
CA TRP C 134 -26.95 19.02 -17.75
C TRP C 134 -28.39 19.14 -17.32
N ALA C 135 -28.60 19.44 -16.04
CA ALA C 135 -29.94 19.69 -15.57
C ALA C 135 -30.43 21.00 -16.18
N LEU C 136 -29.57 22.02 -16.23
CA LEU C 136 -29.90 23.31 -16.84
C LEU C 136 -30.17 23.18 -18.33
N VAL C 137 -29.38 22.33 -18.98
CA VAL C 137 -29.55 22.07 -20.40
C VAL C 137 -30.89 21.42 -20.66
N ALA C 138 -31.27 20.51 -19.77
CA ALA C 138 -32.51 19.74 -19.90
C ALA C 138 -33.74 20.61 -19.85
N LYS C 139 -33.54 21.86 -19.44
CA LYS C 139 -34.64 22.76 -19.31
C LYS C 139 -35.13 23.07 -20.73
N VAL C 140 -34.22 22.95 -21.70
CA VAL C 140 -34.55 23.14 -23.11
C VAL C 140 -35.11 21.86 -23.74
N PRO C 141 -36.36 21.93 -24.22
CA PRO C 141 -37.12 20.80 -24.76
C PRO C 141 -36.39 20.05 -25.87
N ALA C 142 -35.72 20.78 -26.76
CA ALA C 142 -34.95 20.20 -27.84
C ALA C 142 -33.79 19.42 -27.28
N ARG C 143 -32.83 20.13 -26.70
CA ARG C 143 -31.64 19.53 -26.09
C ARG C 143 -31.94 18.51 -24.96
N ARG C 144 -33.21 18.37 -24.60
CA ARG C 144 -33.60 17.59 -23.43
C ARG C 144 -33.13 16.14 -23.41
N SER C 145 -33.13 15.48 -24.57
CA SER C 145 -32.84 14.04 -24.60
C SER C 145 -31.36 13.72 -24.44
N GLU C 146 -30.50 14.60 -24.96
CA GLU C 146 -29.06 14.44 -24.76
C GLU C 146 -28.75 14.64 -23.28
N ALA C 147 -29.40 15.65 -22.72
CA ALA C 147 -29.27 15.95 -21.30
C ALA C 147 -29.68 14.74 -20.47
N ILE C 148 -30.78 14.10 -20.84
CA ILE C 148 -31.24 12.90 -20.18
C ILE C 148 -30.15 11.84 -20.26
N THR C 149 -29.54 11.70 -21.43
CA THR C 149 -28.47 10.72 -21.58
C THR C 149 -27.32 10.97 -20.59
N GLN C 150 -26.80 12.19 -20.60
CA GLN C 150 -25.66 12.52 -19.76
C GLN C 150 -25.99 12.40 -18.28
N LEU C 151 -27.20 12.80 -17.91
CA LEU C 151 -27.66 12.70 -16.52
C LEU C 151 -27.78 11.23 -16.11
N LYS C 152 -28.25 10.37 -17.00
CA LYS C 152 -28.31 8.94 -16.69
C LYS C 152 -26.93 8.41 -16.38
N ALA C 153 -25.96 8.81 -17.20
CA ALA C 153 -24.58 8.42 -17.00
C ALA C 153 -24.06 8.89 -15.63
N LEU C 154 -24.33 10.15 -15.30
CA LEU C 154 -23.92 10.70 -14.02
C LEU C 154 -24.57 9.96 -12.84
N ASN C 155 -25.74 9.41 -13.07
CA ASN C 155 -26.42 8.63 -12.03
C ASN C 155 -25.91 7.20 -11.91
N ALA C 156 -25.48 6.63 -13.02
CA ALA C 156 -25.04 5.24 -13.03
C ALA C 156 -23.61 5.17 -12.54
N ARG C 157 -22.92 6.29 -12.60
CA ARG C 157 -21.54 6.27 -12.16
C ARG C 157 -21.44 6.86 -10.76
N ASN C 158 -22.42 7.67 -10.37
CA ASN C 158 -22.46 8.18 -9.00
C ASN C 158 -23.71 7.74 -8.29
N PRO C 159 -23.53 6.82 -7.33
CA PRO C 159 -24.68 6.31 -6.63
C PRO C 159 -25.31 7.38 -5.73
N GLY C 160 -26.53 7.08 -5.33
CA GLY C 160 -27.40 7.90 -4.50
C GLY C 160 -27.42 9.43 -4.44
N ASN C 161 -27.71 10.07 -5.58
CA ASN C 161 -27.95 11.49 -5.57
C ASN C 161 -29.45 11.74 -5.64
N ALA C 162 -30.01 12.18 -4.51
CA ALA C 162 -31.44 12.36 -4.33
C ALA C 162 -32.07 13.22 -5.40
N ALA C 163 -31.56 14.45 -5.50
CA ALA C 163 -32.03 15.45 -6.45
C ALA C 163 -31.81 14.99 -7.89
N LEU C 164 -30.63 14.42 -8.15
CA LEU C 164 -30.33 13.93 -9.48
C LEU C 164 -31.30 12.85 -9.89
N GLN C 165 -31.52 11.86 -9.03
CA GLN C 165 -32.43 10.78 -9.36
C GLN C 165 -33.88 11.25 -9.49
N ASN C 166 -34.24 12.24 -8.68
CA ASN C 166 -35.57 12.86 -8.73
C ASN C 166 -35.84 13.59 -10.07
N SER C 167 -34.95 14.51 -10.41
CA SER C 167 -35.05 15.21 -11.68
C SER C 167 -34.96 14.25 -12.87
N LEU C 168 -34.07 13.26 -12.79
CA LEU C 168 -33.92 12.33 -13.89
C LEU C 168 -35.18 11.52 -14.07
N ALA C 169 -35.76 11.06 -12.96
CA ALA C 169 -36.98 10.25 -13.01
C ALA C 169 -38.13 11.05 -13.62
N GLN C 170 -38.30 12.28 -13.18
CA GLN C 170 -39.38 13.10 -13.72
C GLN C 170 -39.15 13.41 -15.20
N LEU C 171 -37.87 13.52 -15.57
CA LEU C 171 -37.48 13.79 -16.95
C LEU C 171 -37.84 12.66 -17.85
N LEU C 172 -37.52 11.46 -17.39
CA LEU C 172 -37.81 10.25 -18.16
C LEU C 172 -39.31 10.00 -18.22
N PHE C 173 -40.05 10.35 -17.17
CA PHE C 173 -41.50 10.24 -17.18
C PHE C 173 -42.04 11.20 -18.22
N GLY C 174 -41.35 12.34 -18.35
CA GLY C 174 -41.72 13.36 -19.30
C GLY C 174 -41.60 12.96 -20.76
N GLU C 175 -40.80 11.93 -21.06
CA GLU C 175 -40.70 11.45 -22.44
C GLU C 175 -41.28 10.05 -22.60
N GLY C 176 -42.18 9.67 -21.68
CA GLY C 176 -42.83 8.37 -21.70
C GLY C 176 -41.96 7.14 -21.56
N ARG C 177 -40.71 7.36 -21.14
CA ARG C 177 -39.73 6.29 -20.95
C ARG C 177 -39.88 5.81 -19.53
N ASP C 178 -41.05 5.24 -19.25
CA ASP C 178 -41.42 4.92 -17.90
C ASP C 178 -40.56 3.81 -17.32
N ALA C 179 -40.07 2.90 -18.16
CA ALA C 179 -39.25 1.81 -17.65
C ALA C 179 -37.99 2.32 -16.96
N GLU C 180 -37.23 3.13 -17.70
CA GLU C 180 -35.99 3.67 -17.19
C GLU C 180 -36.23 4.54 -15.97
N ALA C 181 -37.36 5.23 -15.95
CA ALA C 181 -37.71 6.08 -14.85
C ALA C 181 -38.07 5.28 -13.59
N TYR C 182 -38.70 4.12 -13.78
CA TYR C 182 -39.02 3.23 -12.67
C TYR C 182 -37.75 2.62 -12.09
N ALA C 183 -36.80 2.29 -12.96
CA ALA C 183 -35.48 1.82 -12.55
C ALA C 183 -34.78 2.86 -11.67
N VAL C 184 -34.80 4.12 -12.13
CA VAL C 184 -34.20 5.21 -11.37
C VAL C 184 -34.92 5.39 -10.05
N LEU C 185 -36.22 5.15 -10.05
CA LEU C 185 -36.99 5.29 -8.83
C LEU C 185 -36.61 4.19 -7.83
N GLU C 186 -36.31 2.99 -8.33
CA GLU C 186 -35.91 1.91 -7.44
C GLU C 186 -34.50 2.15 -6.84
N GLN C 187 -33.60 2.74 -7.63
CA GLN C 187 -32.32 3.18 -7.06
C GLN C 187 -32.53 4.27 -6.01
N MET C 188 -33.55 5.08 -6.23
CA MET C 188 -33.85 6.15 -5.30
C MET C 188 -34.62 5.60 -4.12
N ALA C 189 -34.86 4.29 -4.16
CA ALA C 189 -35.60 3.65 -3.10
C ALA C 189 -34.67 2.85 -2.22
N LYS C 190 -33.53 2.44 -2.77
CA LYS C 190 -32.63 1.59 -2.00
C LYS C 190 -32.00 2.45 -0.94
N SER C 191 -31.84 3.72 -1.23
CA SER C 191 -31.18 4.66 -0.33
C SER C 191 -32.24 5.34 0.49
N SER C 192 -31.94 5.57 1.76
CA SER C 192 -32.89 6.24 2.65
C SER C 192 -33.29 7.65 2.18
N ALA C 193 -32.37 8.40 1.58
CA ALA C 193 -32.69 9.76 1.16
C ALA C 193 -33.52 9.72 -0.11
N GLY C 194 -34.62 10.44 -0.12
CA GLY C 194 -35.46 10.55 -1.31
C GLY C 194 -36.43 9.39 -1.51
N ARG C 195 -36.58 8.55 -0.48
CA ARG C 195 -37.48 7.39 -0.56
C ARG C 195 -38.94 7.86 -0.59
N GLU C 196 -39.34 8.76 0.31
CA GLU C 196 -40.74 9.21 0.32
C GLU C 196 -41.09 9.98 -0.95
N ALA C 197 -40.11 10.70 -1.50
CA ALA C 197 -40.29 11.43 -2.75
C ALA C 197 -40.46 10.44 -3.89
N ALA C 198 -39.61 9.41 -3.90
CA ALA C 198 -39.64 8.37 -4.90
C ALA C 198 -41.01 7.71 -4.91
N ALA C 199 -41.51 7.39 -3.73
CA ALA C 199 -42.83 6.82 -3.57
C ALA C 199 -43.88 7.78 -4.15
N GLY C 200 -43.71 9.06 -3.82
CA GLY C 200 -44.57 10.12 -4.32
C GLY C 200 -44.69 10.15 -5.84
N LEU C 201 -43.55 10.04 -6.53
CA LEU C 201 -43.56 10.01 -7.99
C LEU C 201 -44.10 8.72 -8.57
N TRP C 202 -43.88 7.64 -7.86
CA TRP C 202 -44.38 6.36 -8.31
C TRP C 202 -45.82 6.17 -7.89
N TYR C 203 -46.46 7.18 -7.35
CA TYR C 203 -47.85 7.02 -7.00
C TYR C 203 -48.62 8.19 -7.50
N GLN C 204 -48.18 8.79 -8.60
CA GLN C 204 -48.92 9.92 -9.11
C GLN C 204 -48.91 9.62 -10.56
N GLN C 205 -48.36 8.45 -10.86
CA GLN C 205 -48.33 7.99 -12.22
C GLN C 205 -49.30 6.87 -12.19
N ILE C 206 -49.53 6.38 -10.97
CA ILE C 206 -50.47 5.30 -10.75
C ILE C 206 -51.84 5.93 -10.70
N GLN C 207 -51.86 7.21 -10.38
CA GLN C 207 -53.09 7.99 -10.31
C GLN C 207 -53.62 8.39 -11.68
N ARG C 208 -52.74 8.33 -12.69
CA ARG C 208 -53.14 8.77 -14.02
C ARG C 208 -53.71 7.64 -14.87
N MET C 209 -53.66 6.42 -14.33
CA MET C 209 -54.28 5.28 -15.02
C MET C 209 -55.63 4.83 -14.45
N PRO C 210 -56.61 4.61 -15.36
CA PRO C 210 -57.96 4.21 -14.97
C PRO C 210 -58.00 2.91 -14.21
N VAL C 211 -58.97 2.80 -13.30
CA VAL C 211 -59.14 1.62 -12.47
C VAL C 211 -59.26 0.44 -13.40
N SER C 212 -58.29 -0.45 -13.30
CA SER C 212 -58.23 -1.54 -14.25
C SER C 212 -57.35 -2.66 -13.73
N ASP C 213 -57.15 -3.64 -14.58
CA ASP C 213 -56.27 -4.75 -14.32
C ASP C 213 -54.85 -4.21 -14.07
N ALA C 214 -54.38 -3.44 -15.06
CA ALA C 214 -53.05 -2.88 -15.06
C ALA C 214 -52.79 -1.96 -13.90
N SER C 215 -53.80 -1.18 -13.50
CA SER C 215 -53.68 -0.33 -12.32
C SER C 215 -53.44 -1.19 -11.10
N VAL C 216 -54.30 -2.18 -10.84
CA VAL C 216 -54.11 -3.05 -9.68
C VAL C 216 -52.70 -3.66 -9.68
N LYS C 217 -52.23 -4.12 -10.84
CA LYS C 217 -50.92 -4.77 -10.93
C LYS C 217 -49.84 -3.76 -10.64
N ALA C 218 -50.13 -2.52 -11.00
CA ALA C 218 -49.24 -1.41 -10.72
C ALA C 218 -49.16 -1.11 -9.24
N LEU C 219 -50.29 -1.10 -8.54
CA LEU C 219 -50.22 -0.82 -7.11
C LEU C 219 -49.57 -1.99 -6.39
N GLN C 220 -49.70 -3.17 -6.94
CA GLN C 220 -49.03 -4.30 -6.33
C GLN C 220 -47.53 -4.22 -6.54
N ARG C 221 -47.13 -3.81 -7.74
CA ARG C 221 -45.72 -3.65 -8.04
C ARG C 221 -45.08 -2.53 -7.21
N PHE C 222 -45.80 -1.43 -7.06
CA PHE C 222 -45.40 -0.34 -6.17
C PHE C 222 -45.26 -0.87 -4.77
N LEU C 223 -46.20 -1.73 -4.38
CA LEU C 223 -46.19 -2.28 -3.02
C LEU C 223 -45.02 -3.24 -2.80
N THR C 224 -44.53 -3.83 -3.88
CA THR C 224 -43.34 -4.67 -3.81
C THR C 224 -42.07 -3.79 -3.78
N VAL C 225 -42.14 -2.60 -4.35
CA VAL C 225 -40.98 -1.70 -4.30
C VAL C 225 -40.91 -0.89 -2.98
N PHE C 226 -42.04 -0.43 -2.44
CA PHE C 226 -42.03 0.33 -1.17
C PHE C 226 -42.76 -0.42 -0.03
N SER C 227 -42.15 -0.45 1.15
CA SER C 227 -42.68 -1.22 2.28
C SER C 227 -43.48 -0.35 3.26
N SER C 228 -42.93 0.77 3.68
CA SER C 228 -43.62 1.57 4.68
C SER C 228 -43.55 3.07 4.39
N GLY C 229 -44.24 3.86 5.20
CA GLY C 229 -44.49 5.25 4.89
C GLY C 229 -45.97 5.54 5.08
N ASP C 230 -46.46 6.60 4.43
CA ASP C 230 -47.90 6.85 4.41
C ASP C 230 -48.43 7.06 2.99
N THR C 231 -47.53 7.13 2.04
CA THR C 231 -47.92 7.10 0.64
C THR C 231 -48.32 5.67 0.38
N VAL C 232 -47.60 4.77 1.04
CA VAL C 232 -47.84 3.34 0.96
C VAL C 232 -49.21 3.00 1.52
N ASP C 233 -49.58 3.63 2.63
CA ASP C 233 -50.88 3.36 3.22
C ASP C 233 -52.01 3.71 2.25
N SER C 234 -51.95 4.88 1.62
CA SER C 234 -52.97 5.27 0.64
C SER C 234 -52.94 4.35 -0.56
N ALA C 235 -51.75 3.82 -0.86
CA ALA C 235 -51.61 2.87 -1.95
C ALA C 235 -52.36 1.58 -1.64
N ARG C 236 -52.26 1.09 -0.40
CA ARG C 236 -52.96 -0.15 0.00
C ARG C 236 -54.46 0.03 0.01
N THR C 237 -54.92 1.12 0.63
CA THR C 237 -56.35 1.40 0.67
C THR C 237 -56.90 1.47 -0.77
N GLN C 238 -56.17 2.16 -1.64
CA GLN C 238 -56.62 2.29 -3.01
C GLN C 238 -56.50 0.99 -3.77
N LEU C 239 -55.64 0.10 -3.32
CA LEU C 239 -55.53 -1.21 -3.94
C LEU C 239 -56.76 -2.05 -3.64
N ALA C 240 -57.13 -2.09 -2.36
CA ALA C 240 -58.33 -2.79 -1.96
C ALA C 240 -59.56 -2.24 -2.67
N ALA C 241 -59.70 -0.92 -2.62
CA ALA C 241 -60.87 -0.27 -3.23
C ALA C 241 -60.93 -0.54 -4.71
N GLN C 242 -59.78 -0.44 -5.37
CA GLN C 242 -59.77 -0.63 -6.81
C GLN C 242 -60.14 -2.04 -7.15
N GLN C 243 -59.60 -3.03 -6.44
CA GLN C 243 -59.92 -4.41 -6.85
C GLN C 243 -61.30 -4.85 -6.35
N LYS C 244 -61.87 -4.05 -5.45
CA LYS C 244 -63.25 -4.26 -5.07
C LYS C 244 -64.16 -3.75 -6.18
N GLN C 245 -63.68 -2.72 -6.89
CA GLN C 245 -64.48 -2.07 -7.92
C GLN C 245 -64.49 -2.93 -9.20
N LEU C 246 -63.76 -4.04 -9.17
CA LEU C 246 -63.79 -4.93 -10.32
C LEU C 246 -64.75 -6.09 -10.05
N ALA C 247 -65.50 -5.94 -8.96
CA ALA C 247 -66.66 -6.78 -8.60
C ALA C 247 -67.85 -5.84 -8.30
N ASP C 248 -68.65 -5.57 -9.34
CA ASP C 248 -69.70 -4.53 -9.35
C ASP C 248 -70.63 -4.42 -8.11
N PRO C 249 -71.22 -3.23 -7.89
CA PRO C 249 -71.00 -1.98 -8.63
C PRO C 249 -69.62 -1.34 -8.42
N ALA C 250 -69.32 -1.03 -7.15
CA ALA C 250 -68.04 -0.44 -6.75
C ALA C 250 -67.88 -0.53 -5.24
N THR D 7 13.98 21.32 7.11
CA THR D 7 12.56 21.04 7.32
C THR D 7 12.28 19.54 7.55
N ALA D 8 12.29 19.15 8.81
CA ALA D 8 12.04 17.78 9.16
C ALA D 8 10.53 17.53 9.15
N GLN D 9 9.80 18.58 9.49
CA GLN D 9 8.34 18.57 9.53
C GLN D 9 7.74 18.17 8.20
N GLN D 10 8.40 18.62 7.14
CA GLN D 10 7.92 18.36 5.78
C GLN D 10 8.21 16.92 5.39
N GLN D 11 9.31 16.40 5.91
CA GLN D 11 9.68 15.02 5.63
C GLN D 11 8.77 14.04 6.36
N LEU D 12 8.48 14.33 7.61
CA LEU D 12 7.62 13.48 8.43
C LEU D 12 6.21 13.53 7.88
N LEU D 13 5.78 14.70 7.40
CA LEU D 13 4.47 14.84 6.76
C LEU D 13 4.39 14.10 5.44
N SER D 14 5.49 14.15 4.68
CA SER D 14 5.63 13.41 3.41
C SER D 14 5.45 11.92 3.64
N GLN D 15 6.14 11.45 4.67
CA GLN D 15 6.08 10.08 5.11
C GLN D 15 4.69 9.70 5.57
N VAL D 16 4.00 10.65 6.22
CA VAL D 16 2.62 10.40 6.66
C VAL D 16 1.70 10.14 5.49
N ARG D 17 1.77 11.01 4.48
CA ARG D 17 0.95 10.84 3.31
C ARG D 17 1.34 9.58 2.57
N LEU D 18 2.64 9.22 2.59
CA LEU D 18 3.09 7.97 1.94
C LEU D 18 2.44 6.77 2.61
N GLY D 19 2.41 6.80 3.94
CA GLY D 19 1.74 5.77 4.69
C GLY D 19 0.24 5.72 4.39
N GLU D 20 -0.33 6.90 4.13
CA GLU D 20 -1.74 6.96 3.80
C GLU D 20 -1.98 6.27 2.47
N ALA D 21 -1.08 6.50 1.51
CA ALA D 21 -1.23 5.94 0.19
C ALA D 21 -1.00 4.45 0.21
N THR D 22 -0.10 4.02 1.06
CA THR D 22 0.27 2.62 1.09
C THR D 22 -0.50 1.80 2.12
N LYS D 23 -1.56 2.38 2.68
CA LYS D 23 -2.43 1.72 3.67
C LYS D 23 -1.64 1.10 4.78
N ARG D 24 -0.48 1.68 5.03
CA ARG D 24 0.42 1.17 6.03
C ARG D 24 0.57 2.16 7.20
N GLU D 25 -0.03 1.82 8.32
CA GLU D 25 -0.15 2.77 9.42
C GLU D 25 1.02 2.71 10.41
N ASP D 26 2.00 1.82 10.16
CA ASP D 26 3.27 1.88 10.89
C ASP D 26 3.86 3.27 10.74
N LEU D 27 4.14 3.53 9.46
CA LEU D 27 4.77 4.73 8.99
C LEU D 27 3.96 5.91 9.48
N VAL D 28 2.65 5.85 9.30
CA VAL D 28 1.83 6.96 9.75
C VAL D 28 1.96 7.18 11.26
N ARG D 29 1.79 6.13 12.07
CA ARG D 29 1.83 6.29 13.52
C ARG D 29 3.14 6.83 14.05
N GLN D 30 4.24 6.22 13.67
CA GLN D 30 5.51 6.73 14.15
C GLN D 30 5.84 8.14 13.65
N SER D 31 5.72 8.37 12.34
CA SER D 31 6.05 9.70 11.83
C SER D 31 5.13 10.75 12.48
N LEU D 32 3.90 10.36 12.78
CA LEU D 32 2.94 11.26 13.44
C LEU D 32 3.39 11.57 14.87
N TYR D 33 3.87 10.55 15.59
CA TYR D 33 4.43 10.73 16.94
C TYR D 33 5.56 11.74 16.96
N ARG D 34 6.52 11.56 16.04
CA ARG D 34 7.67 12.45 15.99
C ARG D 34 7.20 13.86 15.58
N LEU D 35 6.20 13.92 14.71
CA LEU D 35 5.69 15.20 14.30
C LEU D 35 5.22 15.96 15.51
N GLU D 36 4.45 15.27 16.32
CA GLU D 36 3.87 15.88 17.50
C GLU D 36 4.91 16.12 18.59
N LEU D 37 6.11 15.55 18.42
CA LEU D 37 7.19 15.91 19.35
C LEU D 37 7.85 17.19 18.89
N ILE D 38 7.92 17.39 17.58
CA ILE D 38 8.57 18.58 17.02
C ILE D 38 7.64 19.80 17.02
N ASP D 39 6.48 19.71 16.37
CA ASP D 39 5.56 20.85 16.34
C ASP D 39 4.14 20.37 16.50
N PRO D 40 3.73 20.14 17.77
CA PRO D 40 2.43 19.55 18.13
C PRO D 40 1.27 20.47 17.76
N ASP D 41 1.52 21.76 17.65
CA ASP D 41 0.46 22.72 17.38
C ASP D 41 0.38 23.12 15.91
N ASN D 42 1.11 22.41 15.07
CA ASN D 42 1.01 22.62 13.64
C ASN D 42 -0.33 22.08 13.10
N PRO D 43 -1.21 22.97 12.62
CA PRO D 43 -2.54 22.57 12.12
C PRO D 43 -2.48 21.46 11.06
N ASP D 44 -1.35 21.36 10.36
CA ASP D 44 -1.16 20.29 9.37
C ASP D 44 -1.00 18.91 10.03
N VAL D 45 -0.24 18.89 11.14
CA VAL D 45 -0.05 17.66 11.87
C VAL D 45 -1.35 17.32 12.60
N ILE D 46 -2.06 18.33 13.09
CA ILE D 46 -3.31 18.05 13.79
C ILE D 46 -4.29 17.47 12.78
N ALA D 47 -4.30 18.02 11.57
CA ALA D 47 -5.17 17.50 10.53
C ALA D 47 -4.77 16.07 10.19
N ALA D 48 -3.47 15.81 10.21
CA ALA D 48 -2.98 14.46 9.95
C ALA D 48 -3.46 13.46 11.01
N ARG D 49 -3.38 13.84 12.28
CA ARG D 49 -3.83 12.95 13.33
C ARG D 49 -5.33 12.78 13.25
N PHE D 50 -6.03 13.86 12.86
CA PHE D 50 -7.48 13.82 12.69
C PHE D 50 -7.88 12.76 11.66
N ARG D 51 -7.25 12.82 10.49
CA ARG D 51 -7.49 11.83 9.45
C ARG D 51 -7.17 10.41 9.93
N TYR D 52 -6.06 10.26 10.68
CA TYR D 52 -5.69 8.96 11.23
C TYR D 52 -6.77 8.39 12.16
N LEU D 53 -7.25 9.21 13.07
CA LEU D 53 -8.27 8.78 14.01
C LEU D 53 -9.55 8.39 13.26
N LEU D 54 -9.86 9.15 12.22
CA LEU D 54 -11.01 8.85 11.39
C LEU D 54 -10.82 7.52 10.72
N ARG D 55 -9.59 7.21 10.30
CA ARG D 55 -9.32 5.94 9.67
C ARG D 55 -9.51 4.79 10.64
N GLN D 56 -9.27 5.07 11.91
CA GLN D 56 -9.32 4.03 12.94
C GLN D 56 -10.69 3.86 13.56
N GLY D 57 -11.66 4.64 13.09
CA GLY D 57 -13.03 4.57 13.57
C GLY D 57 -13.27 5.22 14.92
N ASP D 58 -12.36 6.11 15.32
CA ASP D 58 -12.45 6.89 16.55
C ASP D 58 -12.92 8.33 16.37
N ASN D 59 -14.23 8.54 16.15
CA ASN D 59 -14.74 9.90 15.90
C ASN D 59 -14.63 10.81 17.13
N ALA D 60 -14.51 10.22 18.30
CA ALA D 60 -14.36 10.95 19.55
C ALA D 60 -13.05 11.74 19.59
N GLY D 61 -11.95 11.03 19.40
CA GLY D 61 -10.63 11.63 19.31
C GLY D 61 -10.53 12.57 18.14
N ALA D 62 -11.16 12.15 17.03
CA ALA D 62 -11.20 12.95 15.81
C ALA D 62 -11.79 14.32 16.09
N GLN D 63 -12.90 14.31 16.83
CA GLN D 63 -13.60 15.53 17.25
C GLN D 63 -12.76 16.40 18.19
N LYS D 64 -12.00 15.76 19.07
CA LYS D 64 -11.10 16.53 19.94
C LYS D 64 -10.08 17.29 19.11
N GLN D 65 -9.53 16.60 18.12
CA GLN D 65 -8.57 17.21 17.21
C GLN D 65 -9.25 18.34 16.45
N LEU D 66 -10.53 18.16 16.14
CA LEU D 66 -11.28 19.18 15.41
C LEU D 66 -11.44 20.44 16.23
N ASP D 67 -11.78 20.26 17.50
CA ASP D 67 -11.91 21.38 18.42
C ASP D 67 -10.58 22.08 18.58
N ARG D 68 -9.54 21.26 18.66
CA ARG D 68 -8.18 21.75 18.79
C ARG D 68 -7.81 22.65 17.60
N MET D 69 -8.18 22.23 16.38
CA MET D 69 -7.98 23.07 15.19
C MET D 69 -8.86 24.32 15.13
N LYS D 70 -10.07 24.23 15.67
CA LYS D 70 -11.00 25.35 15.57
C LYS D 70 -10.56 26.45 16.50
N GLN D 71 -9.87 26.04 17.55
CA GLN D 71 -9.41 27.00 18.52
C GLN D 71 -7.96 27.42 18.26
N LEU D 72 -7.24 26.65 17.44
CA LEU D 72 -5.85 27.03 17.10
C LEU D 72 -5.73 27.80 15.79
N ALA D 73 -6.42 27.37 14.74
CA ALA D 73 -6.41 28.11 13.48
C ALA D 73 -7.77 27.97 12.80
N PRO D 74 -8.76 28.77 13.22
CA PRO D 74 -10.15 28.61 12.78
C PRO D 74 -10.39 28.90 11.30
N ASP D 75 -9.47 29.62 10.67
CA ASP D 75 -9.67 30.05 9.29
C ASP D 75 -8.65 29.43 8.39
N SER D 76 -8.05 28.35 8.86
CA SER D 76 -7.11 27.58 8.05
C SER D 76 -7.86 26.60 7.21
N ALA D 77 -7.28 26.28 6.06
CA ALA D 77 -7.83 25.29 5.15
C ALA D 77 -7.92 23.95 5.86
N ALA D 78 -6.94 23.74 6.75
CA ALA D 78 -6.88 22.52 7.54
C ALA D 78 -8.15 22.33 8.33
N TYR D 79 -8.54 23.38 9.04
CA TYR D 79 -9.72 23.28 9.85
C TYR D 79 -10.97 23.06 8.99
N LYS D 80 -11.17 23.84 7.93
CA LYS D 80 -12.45 23.71 7.23
C LYS D 80 -12.55 22.41 6.49
N SER D 81 -11.43 21.94 5.95
CA SER D 81 -11.42 20.65 5.30
C SER D 81 -11.75 19.56 6.31
N SER D 82 -11.20 19.70 7.50
CA SER D 82 -11.44 18.72 8.56
C SER D 82 -12.89 18.70 9.03
N VAL D 83 -13.55 19.86 9.05
CA VAL D 83 -14.95 19.90 9.44
C VAL D 83 -15.79 19.19 8.41
N THR D 84 -15.54 19.48 7.13
CA THR D 84 -16.30 18.82 6.09
C THR D 84 -16.09 17.28 6.17
N SER D 85 -14.84 16.85 6.32
CA SER D 85 -14.56 15.43 6.44
C SER D 85 -15.28 14.80 7.66
N MET D 86 -15.39 15.56 8.74
CA MET D 86 -16.03 15.04 9.96
C MET D 86 -17.53 15.00 9.84
N THR D 87 -18.10 15.93 9.09
CA THR D 87 -19.54 15.99 8.88
C THR D 87 -20.03 14.90 7.93
N LEU D 88 -19.20 14.58 6.94
CA LEU D 88 -19.56 13.59 5.95
C LEU D 88 -18.79 12.29 6.22
N SER D 89 -18.49 12.07 7.50
CA SER D 89 -17.60 11.00 7.95
C SER D 89 -18.17 9.59 7.68
N GLY D 90 -19.46 9.49 7.43
CA GLY D 90 -20.11 8.21 7.24
C GLY D 90 -21.49 8.33 6.65
N ALA D 91 -21.96 7.23 6.06
CA ALA D 91 -23.20 7.19 5.29
C ALA D 91 -24.33 8.02 5.88
N GLU D 92 -24.66 7.83 7.16
CA GLU D 92 -25.85 8.49 7.67
C GLU D 92 -25.80 9.99 7.47
N GLY D 93 -24.66 10.60 7.79
CA GLY D 93 -24.53 12.04 7.62
C GLY D 93 -24.55 12.43 6.17
N ARG D 94 -23.92 11.59 5.35
CA ARG D 94 -23.83 11.80 3.91
C ARG D 94 -25.22 11.83 3.26
N GLN D 95 -26.06 10.90 3.69
CA GLN D 95 -27.41 10.83 3.16
C GLN D 95 -28.27 11.89 3.76
N ALA D 96 -27.92 12.31 4.97
CA ALA D 96 -28.61 13.40 5.63
C ALA D 96 -28.45 14.65 4.77
N LEU D 97 -27.24 14.82 4.23
CA LEU D 97 -26.97 15.92 3.33
C LEU D 97 -27.76 15.72 2.02
N GLN D 98 -27.89 14.48 1.58
CA GLN D 98 -28.63 14.29 0.33
C GLN D 98 -30.09 14.69 0.49
N GLN D 99 -30.64 14.44 1.67
CA GLN D 99 -32.04 14.71 1.85
C GLN D 99 -32.24 16.16 2.13
N ALA D 100 -31.20 16.77 2.68
CA ALA D 100 -31.22 18.21 2.90
C ALA D 100 -31.30 18.91 1.54
N ARG D 101 -30.49 18.46 0.59
CA ARG D 101 -30.49 19.10 -0.72
C ARG D 101 -31.69 18.75 -1.58
N LEU D 102 -32.26 17.58 -1.34
CA LEU D 102 -33.46 17.19 -2.04
C LEU D 102 -34.62 18.08 -1.64
N GLN D 103 -34.77 18.24 -0.32
CA GLN D 103 -35.88 19.05 0.20
C GLN D 103 -35.63 20.52 -0.05
N ALA D 104 -34.36 20.91 -0.16
CA ALA D 104 -34.06 22.31 -0.38
C ALA D 104 -34.40 22.67 -1.82
N THR D 105 -34.15 21.75 -2.75
CA THR D 105 -34.45 22.07 -4.14
C THR D 105 -35.94 21.89 -4.48
N THR D 106 -36.63 20.91 -3.85
CA THR D 106 -38.05 20.70 -4.18
C THR D 106 -38.96 21.77 -3.55
N GLY D 107 -38.39 22.58 -2.66
CA GLY D 107 -39.06 23.72 -2.03
C GLY D 107 -39.67 23.54 -0.65
N HIS D 108 -39.36 22.39 -0.05
CA HIS D 108 -39.68 22.10 1.34
C HIS D 108 -38.61 22.65 2.27
N VAL D 109 -38.53 23.97 2.36
CA VAL D 109 -37.40 24.60 3.03
C VAL D 109 -37.24 24.29 4.53
N PRO D 110 -38.34 24.32 5.33
CA PRO D 110 -38.19 24.06 6.76
C PRO D 110 -37.69 22.63 7.12
N GLU D 111 -38.18 21.60 6.42
CA GLU D 111 -37.65 20.24 6.56
C GLU D 111 -36.17 20.19 6.27
N ALA D 112 -35.80 20.90 5.21
CA ALA D 112 -34.43 20.99 4.73
C ALA D 112 -33.51 21.57 5.79
N LEU D 113 -33.90 22.71 6.36
CA LEU D 113 -33.15 23.28 7.47
C LEU D 113 -33.09 22.34 8.66
N ALA D 114 -34.15 21.55 8.87
CA ALA D 114 -34.13 20.60 9.97
C ALA D 114 -33.02 19.58 9.78
N ALA D 115 -32.96 18.99 8.58
CA ALA D 115 -31.90 18.01 8.25
C ALA D 115 -30.52 18.64 8.33
N TYR D 116 -30.37 19.84 7.79
CA TYR D 116 -29.08 20.52 7.86
C TYR D 116 -28.64 20.74 9.29
N ASP D 117 -29.57 21.19 10.14
CA ASP D 117 -29.28 21.46 11.54
C ASP D 117 -28.88 20.17 12.24
N ALA D 118 -29.62 19.11 11.94
CA ALA D 118 -29.40 17.80 12.53
C ALA D 118 -28.03 17.28 12.16
N LEU D 119 -27.60 17.61 10.95
CA LEU D 119 -26.31 17.19 10.45
C LEU D 119 -25.18 17.98 11.10
N PHE D 120 -25.30 19.30 11.09
CA PHE D 120 -24.21 20.15 11.54
C PHE D 120 -23.95 20.24 13.04
N LYS D 121 -24.86 19.78 13.91
CA LYS D 121 -24.62 19.87 15.37
C LYS D 121 -23.19 19.49 15.78
N GLY D 122 -22.57 20.40 16.52
CA GLY D 122 -21.26 20.20 17.11
C GLY D 122 -20.13 20.62 16.20
N ASN D 123 -20.45 20.83 14.93
CA ASN D 123 -19.49 21.39 13.99
C ASN D 123 -20.19 22.33 13.02
N PRO D 124 -20.17 23.63 13.32
CA PRO D 124 -20.83 24.55 12.39
C PRO D 124 -20.17 24.49 11.01
N PRO D 125 -20.99 24.57 9.95
CA PRO D 125 -20.50 24.41 8.58
C PRO D 125 -19.50 25.45 8.20
N GLU D 126 -18.56 25.06 7.36
CA GLU D 126 -17.54 25.95 6.85
C GLU D 126 -17.41 25.61 5.39
N GLY D 127 -17.02 26.59 4.58
CA GLY D 127 -16.81 26.31 3.16
C GLY D 127 -18.06 26.52 2.34
N ASP D 128 -18.16 25.81 1.22
CA ASP D 128 -19.31 25.98 0.35
C ASP D 128 -20.53 25.46 1.07
N LEU D 129 -20.33 24.55 2.03
CA LEU D 129 -21.44 24.04 2.82
C LEU D 129 -22.05 25.14 3.67
N ALA D 130 -21.19 25.97 4.27
CA ALA D 130 -21.64 27.07 5.11
C ALA D 130 -22.46 28.03 4.28
N VAL D 131 -21.96 28.36 3.09
CA VAL D 131 -22.70 29.23 2.18
C VAL D 131 -24.07 28.64 1.83
N GLU D 132 -24.09 27.37 1.46
CA GLU D 132 -25.32 26.69 1.09
C GLU D 132 -26.34 26.74 2.22
N TYR D 133 -25.86 26.34 3.39
CA TYR D 133 -26.67 26.31 4.59
C TYR D 133 -27.23 27.67 4.94
N TRP D 134 -26.35 28.65 5.15
CA TRP D 134 -26.76 29.97 5.64
C TRP D 134 -27.54 30.82 4.63
N ALA D 135 -27.36 30.57 3.33
CA ALA D 135 -28.20 31.22 2.34
C ALA D 135 -29.59 30.64 2.50
N LEU D 136 -29.68 29.32 2.70
CA LEU D 136 -30.99 28.72 2.97
C LEU D 136 -31.62 29.21 4.27
N VAL D 137 -30.82 29.38 5.30
CA VAL D 137 -31.31 29.85 6.58
C VAL D 137 -31.85 31.25 6.47
N ALA D 138 -31.18 32.10 5.71
CA ALA D 138 -31.63 33.48 5.57
C ALA D 138 -33.02 33.60 4.92
N LYS D 139 -33.46 32.54 4.24
CA LYS D 139 -34.75 32.55 3.56
C LYS D 139 -35.95 32.49 4.53
N VAL D 140 -35.73 32.03 5.76
CA VAL D 140 -36.77 32.14 6.79
C VAL D 140 -36.64 33.49 7.50
N PRO D 141 -37.73 34.27 7.54
CA PRO D 141 -37.79 35.63 8.12
C PRO D 141 -37.32 35.66 9.57
N ALA D 142 -37.75 34.69 10.37
CA ALA D 142 -37.22 34.54 11.72
C ALA D 142 -35.80 34.09 11.48
N ARG D 143 -34.87 34.38 12.39
CA ARG D 143 -33.49 33.88 12.21
C ARG D 143 -32.70 34.47 11.00
N ARG D 144 -33.37 35.29 10.19
CA ARG D 144 -32.75 35.88 9.01
C ARG D 144 -31.51 36.71 9.34
N SER D 145 -31.52 37.36 10.51
CA SER D 145 -30.46 38.31 10.81
C SER D 145 -29.18 37.60 11.19
N GLU D 146 -29.32 36.45 11.85
CA GLU D 146 -28.19 35.60 12.24
C GLU D 146 -27.51 35.13 10.99
N ALA D 147 -28.37 34.69 10.06
CA ALA D 147 -27.97 34.25 8.74
C ALA D 147 -27.24 35.33 7.99
N ILE D 148 -27.77 36.55 8.05
CA ILE D 148 -27.10 37.68 7.43
C ILE D 148 -25.71 37.90 8.03
N THR D 149 -25.62 37.85 9.35
CA THR D 149 -24.33 38.00 10.03
C THR D 149 -23.32 37.00 9.51
N GLN D 150 -23.75 35.74 9.45
CA GLN D 150 -22.92 34.65 8.96
C GLN D 150 -22.47 34.84 7.52
N LEU D 151 -23.41 35.29 6.68
CA LEU D 151 -23.15 35.53 5.26
C LEU D 151 -22.17 36.70 5.06
N LYS D 152 -22.30 37.72 5.90
CA LYS D 152 -21.35 38.82 5.91
C LYS D 152 -19.96 38.35 6.26
N ALA D 153 -19.90 37.46 7.25
CA ALA D 153 -18.63 36.86 7.63
C ALA D 153 -18.01 36.14 6.44
N LEU D 154 -18.79 35.28 5.80
CA LEU D 154 -18.30 34.51 4.66
C LEU D 154 -17.89 35.43 3.52
N ASN D 155 -18.47 36.63 3.45
CA ASN D 155 -18.08 37.55 2.39
C ASN D 155 -16.77 38.25 2.70
N ALA D 156 -16.54 38.51 3.98
CA ALA D 156 -15.36 39.26 4.36
C ALA D 156 -14.11 38.39 4.51
N ARG D 157 -14.32 37.11 4.79
CA ARG D 157 -13.22 36.24 5.13
C ARG D 157 -12.79 35.33 3.98
N ASN D 158 -13.64 35.27 2.97
CA ASN D 158 -13.32 34.54 1.75
C ASN D 158 -13.42 35.49 0.55
N PRO D 159 -12.85 35.09 -0.60
CA PRO D 159 -12.82 35.99 -1.76
C PRO D 159 -14.21 36.28 -2.33
N GLY D 160 -14.30 37.33 -3.13
CA GLY D 160 -15.55 37.72 -3.75
C GLY D 160 -16.36 36.68 -4.51
N ASN D 161 -17.55 36.39 -3.98
CA ASN D 161 -18.53 35.53 -4.65
C ASN D 161 -19.70 36.35 -5.20
N ALA D 162 -19.85 36.43 -6.53
CA ALA D 162 -20.91 37.24 -7.15
C ALA D 162 -22.29 36.88 -6.65
N ALA D 163 -22.61 35.59 -6.69
CA ALA D 163 -23.91 35.12 -6.23
C ALA D 163 -24.18 35.41 -4.75
N LEU D 164 -23.18 35.15 -3.91
CA LEU D 164 -23.30 35.40 -2.47
C LEU D 164 -23.39 36.89 -2.21
N GLN D 165 -22.51 37.66 -2.82
CA GLN D 165 -22.50 39.09 -2.60
C GLN D 165 -23.82 39.70 -3.06
N ASN D 166 -24.36 39.17 -4.16
CA ASN D 166 -25.66 39.60 -4.66
C ASN D 166 -26.74 39.30 -3.63
N SER D 167 -26.85 38.03 -3.22
CA SER D 167 -27.88 37.68 -2.25
C SER D 167 -27.72 38.52 -0.96
N LEU D 168 -26.48 38.78 -0.57
CA LEU D 168 -26.23 39.55 0.62
C LEU D 168 -26.71 40.98 0.43
N ALA D 169 -26.46 41.54 -0.75
CA ALA D 169 -26.89 42.91 -1.03
C ALA D 169 -28.40 43.00 -0.91
N GLN D 170 -29.10 42.07 -1.57
CA GLN D 170 -30.56 42.12 -1.55
C GLN D 170 -31.12 41.88 -0.15
N LEU D 171 -30.45 41.06 0.66
CA LEU D 171 -30.90 40.84 2.04
C LEU D 171 -30.73 42.09 2.88
N LEU D 172 -29.58 42.75 2.73
CA LEU D 172 -29.32 43.95 3.53
C LEU D 172 -30.23 45.07 3.09
N PHE D 173 -30.57 45.09 1.81
CA PHE D 173 -31.50 46.07 1.26
C PHE D 173 -32.90 45.80 1.79
N GLY D 174 -33.19 44.51 1.94
CA GLY D 174 -34.44 43.97 2.47
C GLY D 174 -34.64 44.32 3.92
N GLU D 175 -33.57 44.75 4.54
CA GLU D 175 -33.63 45.19 5.92
C GLU D 175 -33.34 46.70 5.82
N GLY D 176 -33.16 47.36 6.93
CA GLY D 176 -32.93 48.80 6.86
C GLY D 176 -31.46 49.14 6.78
N ARG D 177 -30.65 48.12 6.47
CA ARG D 177 -29.19 48.24 6.46
C ARG D 177 -28.60 48.56 5.10
N ASP D 178 -29.03 49.67 4.52
CA ASP D 178 -28.71 49.96 3.12
C ASP D 178 -27.25 50.32 2.90
N ALA D 179 -26.59 50.91 3.89
CA ALA D 179 -25.18 51.30 3.76
C ALA D 179 -24.29 50.08 3.51
N GLU D 180 -24.43 49.04 4.32
CA GLU D 180 -23.64 47.82 4.16
C GLU D 180 -23.94 47.19 2.82
N ALA D 181 -25.20 47.34 2.39
CA ALA D 181 -25.60 46.77 1.13
C ALA D 181 -24.96 47.50 -0.07
N TYR D 182 -24.77 48.81 0.05
CA TYR D 182 -24.05 49.55 -0.98
C TYR D 182 -22.57 49.16 -0.99
N ALA D 183 -22.03 48.94 0.20
CA ALA D 183 -20.64 48.50 0.28
C ALA D 183 -20.43 47.18 -0.45
N VAL D 184 -21.26 46.17 -0.15
CA VAL D 184 -21.07 44.92 -0.86
C VAL D 184 -21.36 45.14 -2.35
N LEU D 185 -22.19 46.12 -2.71
CA LEU D 185 -22.39 46.38 -4.14
C LEU D 185 -21.10 46.93 -4.80
N GLU D 186 -20.31 47.70 -4.03
CA GLU D 186 -19.03 48.20 -4.56
C GLU D 186 -18.05 47.07 -4.70
N GLN D 187 -18.12 46.12 -3.76
CA GLN D 187 -17.36 44.88 -3.92
C GLN D 187 -17.81 44.08 -5.15
N MET D 188 -19.09 44.14 -5.45
CA MET D 188 -19.60 43.42 -6.59
C MET D 188 -19.38 44.18 -7.88
N ALA D 189 -18.78 45.35 -7.75
CA ALA D 189 -18.52 46.15 -8.93
C ALA D 189 -17.06 46.04 -9.27
N LYS D 190 -16.24 45.74 -8.27
CA LYS D 190 -14.80 45.66 -8.55
C LYS D 190 -14.51 44.41 -9.42
N SER D 191 -15.35 43.39 -9.29
CA SER D 191 -15.16 42.15 -10.05
C SER D 191 -16.05 42.14 -11.30
N SER D 192 -15.50 41.70 -12.42
CA SER D 192 -16.21 41.69 -13.71
C SER D 192 -17.53 40.92 -13.66
N ALA D 193 -17.53 39.90 -12.82
CA ALA D 193 -18.65 38.99 -12.69
C ALA D 193 -19.82 39.54 -11.90
N GLY D 194 -20.58 40.45 -12.47
CA GLY D 194 -21.78 40.86 -11.78
C GLY D 194 -21.91 42.34 -11.59
N ARG D 195 -21.03 43.11 -12.23
CA ARG D 195 -21.08 44.54 -12.04
C ARG D 195 -22.43 44.99 -12.59
N GLU D 196 -22.82 44.54 -13.78
CA GLU D 196 -24.07 45.05 -14.33
C GLU D 196 -25.27 44.68 -13.42
N ALA D 197 -25.20 43.54 -12.73
CA ALA D 197 -26.24 43.17 -11.76
C ALA D 197 -26.21 44.09 -10.54
N ALA D 198 -25.01 44.35 -10.03
CA ALA D 198 -24.81 45.21 -8.87
C ALA D 198 -25.39 46.58 -9.18
N ALA D 199 -25.04 47.05 -10.38
CA ALA D 199 -25.53 48.30 -10.91
C ALA D 199 -27.05 48.25 -10.92
N GLY D 200 -27.57 47.11 -11.37
CA GLY D 200 -28.99 46.83 -11.39
C GLY D 200 -29.66 47.03 -10.04
N LEU D 201 -29.03 46.57 -8.96
CA LEU D 201 -29.61 46.78 -7.63
C LEU D 201 -29.46 48.23 -7.17
N TRP D 202 -28.37 48.86 -7.60
CA TRP D 202 -28.10 50.26 -7.28
C TRP D 202 -28.80 51.24 -8.21
N TYR D 203 -29.73 50.76 -9.01
CA TYR D 203 -30.47 51.70 -9.84
C TYR D 203 -31.92 51.31 -9.88
N GLN D 204 -32.35 50.61 -8.85
CA GLN D 204 -33.73 50.20 -8.77
C GLN D 204 -33.95 50.44 -7.30
N GLN D 205 -32.97 51.16 -6.79
CA GLN D 205 -32.96 51.63 -5.43
C GLN D 205 -32.99 53.14 -5.51
N ILE D 206 -32.54 53.63 -6.65
CA ILE D 206 -32.54 55.05 -6.89
C ILE D 206 -33.87 55.44 -7.50
N GLN D 207 -34.53 54.49 -8.14
CA GLN D 207 -35.79 54.76 -8.81
C GLN D 207 -36.92 54.92 -7.83
N ARG D 208 -36.76 54.41 -6.62
CA ARG D 208 -37.85 54.41 -5.64
C ARG D 208 -37.89 55.70 -4.80
N MET D 209 -36.94 56.59 -5.04
CA MET D 209 -37.01 57.91 -4.43
C MET D 209 -37.56 58.92 -5.43
N PRO D 210 -38.53 59.74 -4.99
CA PRO D 210 -39.16 60.74 -5.87
C PRO D 210 -38.14 61.74 -6.39
N VAL D 211 -38.38 62.29 -7.59
CA VAL D 211 -37.44 63.24 -8.19
C VAL D 211 -37.24 64.39 -7.22
N SER D 212 -36.01 64.48 -6.74
CA SER D 212 -35.66 65.39 -5.67
C SER D 212 -34.16 65.63 -5.72
N ASP D 213 -33.64 66.35 -4.74
CA ASP D 213 -32.20 66.60 -4.62
C ASP D 213 -31.41 65.31 -4.34
N ALA D 214 -31.84 64.58 -3.31
CA ALA D 214 -31.19 63.36 -2.86
C ALA D 214 -31.08 62.31 -3.98
N SER D 215 -32.12 62.24 -4.80
CA SER D 215 -32.08 61.37 -5.96
C SER D 215 -30.91 61.79 -6.83
N VAL D 216 -30.88 63.05 -7.23
CA VAL D 216 -29.79 63.57 -8.07
C VAL D 216 -28.38 63.26 -7.52
N LYS D 217 -28.19 63.39 -6.21
CA LYS D 217 -26.85 63.18 -5.66
C LYS D 217 -26.57 61.68 -5.79
N ALA D 218 -27.63 60.88 -5.64
CA ALA D 218 -27.49 59.42 -5.77
C ALA D 218 -27.15 58.98 -7.20
N LEU D 219 -27.77 59.58 -8.22
CA LEU D 219 -27.41 59.19 -9.59
C LEU D 219 -26.01 59.67 -9.89
N GLN D 220 -25.57 60.73 -9.25
CA GLN D 220 -24.20 61.13 -9.50
C GLN D 220 -23.16 60.17 -8.90
N ARG D 221 -23.39 59.74 -7.67
CA ARG D 221 -22.45 58.83 -7.05
C ARG D 221 -22.48 57.48 -7.76
N PHE D 222 -23.68 57.07 -8.13
CA PHE D 222 -23.86 55.87 -8.90
C PHE D 222 -23.07 55.97 -10.19
N LEU D 223 -23.08 57.14 -10.83
CA LEU D 223 -22.34 57.33 -12.07
C LEU D 223 -20.83 57.30 -11.88
N THR D 224 -20.38 57.61 -10.68
CA THR D 224 -18.95 57.46 -10.40
C THR D 224 -18.58 56.00 -10.09
N VAL D 225 -19.53 55.22 -9.59
CA VAL D 225 -19.26 53.80 -9.23
C VAL D 225 -19.26 52.84 -10.43
N PHE D 226 -20.15 53.07 -11.38
CA PHE D 226 -20.24 52.21 -12.56
C PHE D 226 -19.87 52.98 -13.83
N SER D 227 -19.04 52.37 -14.68
CA SER D 227 -18.48 53.08 -15.83
C SER D 227 -19.34 52.89 -17.06
N SER D 228 -19.66 51.64 -17.35
CA SER D 228 -20.43 51.32 -18.55
C SER D 228 -21.50 50.25 -18.32
N GLY D 229 -22.28 50.03 -19.37
CA GLY D 229 -23.50 49.25 -19.30
C GLY D 229 -24.59 50.07 -19.96
N ASP D 230 -25.84 49.73 -19.66
CA ASP D 230 -26.93 50.60 -20.05
C ASP D 230 -27.79 50.81 -18.83
N THR D 231 -27.37 50.24 -17.72
CA THR D 231 -27.99 50.63 -16.49
C THR D 231 -27.42 52.03 -16.29
N VAL D 232 -26.14 52.16 -16.65
CA VAL D 232 -25.42 53.44 -16.58
C VAL D 232 -25.91 54.49 -17.58
N ASP D 233 -26.19 54.14 -18.83
CA ASP D 233 -26.67 55.13 -19.80
C ASP D 233 -28.01 55.71 -19.37
N SER D 234 -28.94 54.85 -18.98
CA SER D 234 -30.25 55.30 -18.53
C SER D 234 -30.10 56.08 -17.22
N ALA D 235 -29.08 55.73 -16.44
CA ALA D 235 -28.79 56.53 -15.26
C ALA D 235 -28.32 57.92 -15.66
N ARG D 236 -27.45 58.04 -16.68
CA ARG D 236 -26.98 59.36 -17.09
C ARG D 236 -28.08 60.19 -17.71
N THR D 237 -28.81 59.60 -18.65
CA THR D 237 -29.92 60.29 -19.29
C THR D 237 -30.97 60.73 -18.25
N GLN D 238 -31.31 59.84 -17.31
CA GLN D 238 -32.25 60.22 -16.25
C GLN D 238 -31.61 61.21 -15.27
N LEU D 239 -30.28 61.24 -15.23
CA LEU D 239 -29.59 62.21 -14.39
C LEU D 239 -29.82 63.57 -14.99
N ALA D 240 -29.59 63.70 -16.29
CA ALA D 240 -29.85 64.94 -17.03
C ALA D 240 -31.34 65.34 -16.99
N ALA D 241 -32.24 64.38 -17.22
CA ALA D 241 -33.68 64.63 -17.21
C ALA D 241 -34.14 65.13 -15.84
N GLN D 242 -33.66 64.50 -14.78
CA GLN D 242 -33.93 64.92 -13.41
C GLN D 242 -33.25 66.30 -13.17
N GLN D 243 -32.13 66.53 -13.87
CA GLN D 243 -31.24 67.70 -13.68
C GLN D 243 -31.93 68.95 -14.23
N LYS D 244 -33.07 68.75 -14.89
CA LYS D 244 -33.95 69.84 -15.32
C LYS D 244 -34.64 70.44 -14.10
N GLN D 245 -34.74 69.66 -13.01
CA GLN D 245 -35.51 69.98 -11.79
C GLN D 245 -36.79 70.69 -12.28
N LEU D 246 -37.20 71.78 -11.65
CA LEU D 246 -38.26 72.68 -12.15
C LEU D 246 -37.71 74.04 -12.65
N ALA D 247 -38.10 74.48 -13.84
CA ALA D 247 -37.74 75.82 -14.31
C ALA D 247 -38.39 76.90 -13.46
N THR E 7 27.63 10.28 28.43
CA THR E 7 26.97 9.48 27.40
C THR E 7 25.59 10.03 27.08
N ALA E 8 25.22 9.99 25.80
CA ALA E 8 24.00 10.64 25.32
C ALA E 8 22.72 10.26 26.02
N GLN E 9 22.35 8.99 25.95
CA GLN E 9 21.06 8.50 26.45
C GLN E 9 20.87 8.84 27.91
N GLN E 10 22.00 8.85 28.64
CA GLN E 10 22.01 9.16 30.06
C GLN E 10 21.84 10.64 30.32
N GLN E 11 22.39 11.44 29.41
CA GLN E 11 22.34 12.88 29.43
C GLN E 11 20.88 13.28 29.21
N LEU E 12 20.25 12.59 28.26
CA LEU E 12 18.85 12.76 27.83
C LEU E 12 17.71 12.24 28.71
N LEU E 13 17.89 11.08 29.32
CA LEU E 13 16.84 10.49 30.17
C LEU E 13 16.70 11.37 31.40
N SER E 14 17.82 11.90 31.89
CA SER E 14 17.74 12.84 32.98
C SER E 14 16.90 14.04 32.63
N GLN E 15 17.12 14.63 31.46
CA GLN E 15 16.30 15.77 31.05
C GLN E 15 14.82 15.40 30.88
N VAL E 16 14.55 14.15 30.47
CA VAL E 16 13.17 13.64 30.42
C VAL E 16 12.56 13.66 31.82
N ARG E 17 13.29 13.14 32.82
CA ARG E 17 12.79 13.15 34.20
C ARG E 17 12.71 14.56 34.81
N LEU E 18 13.63 15.44 34.43
CA LEU E 18 13.62 16.82 34.88
C LEU E 18 12.39 17.56 34.31
N GLY E 19 12.20 17.45 33.01
CA GLY E 19 11.07 18.06 32.34
C GLY E 19 9.78 17.49 32.88
N GLU E 20 9.80 16.21 33.26
CA GLU E 20 8.64 15.57 33.86
C GLU E 20 8.33 16.15 35.23
N ALA E 21 9.37 16.32 36.04
CA ALA E 21 9.25 16.81 37.42
C ALA E 21 8.90 18.31 37.46
N THR E 22 9.41 19.05 36.50
CA THR E 22 9.21 20.48 36.48
C THR E 22 8.02 20.85 35.59
N LYS E 23 7.24 19.86 35.17
CA LYS E 23 6.09 20.07 34.30
C LYS E 23 6.41 20.89 33.03
N ARG E 24 7.62 20.73 32.51
CA ARG E 24 7.99 21.37 31.26
C ARG E 24 8.12 20.33 30.14
N GLU E 25 7.13 20.29 29.25
CA GLU E 25 7.07 19.26 28.23
C GLU E 25 7.76 19.64 26.94
N ASP E 26 8.22 20.88 26.86
CA ASP E 26 9.15 21.30 25.80
C ASP E 26 10.37 20.41 25.94
N LEU E 27 10.96 20.45 27.12
CA LEU E 27 12.14 19.67 27.44
C LEU E 27 11.92 18.16 27.23
N VAL E 28 10.76 17.67 27.70
CA VAL E 28 10.45 16.26 27.51
C VAL E 28 10.39 15.94 26.02
N ARG E 29 9.69 16.76 25.24
CA ARG E 29 9.54 16.50 23.82
C ARG E 29 10.86 16.50 23.05
N GLN E 30 11.69 17.47 23.33
CA GLN E 30 12.99 17.53 22.67
C GLN E 30 13.80 16.28 23.00
N SER E 31 13.84 15.99 24.30
CA SER E 31 14.59 14.84 24.78
C SER E 31 14.08 13.47 24.24
N LEU E 32 12.78 13.33 24.13
CA LEU E 32 12.15 12.14 23.60
C LEU E 32 12.42 11.98 22.11
N TYR E 33 12.46 13.11 21.40
CA TYR E 33 12.74 13.12 19.98
C TYR E 33 14.12 12.57 19.72
N ARG E 34 15.07 13.15 20.43
CA ARG E 34 16.46 12.74 20.23
C ARG E 34 16.70 11.31 20.74
N LEU E 35 16.03 10.96 21.81
CA LEU E 35 16.09 9.60 22.32
C LEU E 35 15.58 8.64 21.27
N GLU E 36 14.48 9.00 20.59
CA GLU E 36 13.91 8.12 19.56
C GLU E 36 14.79 8.10 18.33
N LEU E 37 15.73 9.04 18.20
CA LEU E 37 16.68 8.95 17.09
C LEU E 37 17.90 8.08 17.39
N ILE E 38 18.42 8.21 18.62
CA ILE E 38 19.61 7.48 19.10
C ILE E 38 19.36 6.06 19.66
N ASP E 39 18.43 5.91 20.62
CA ASP E 39 18.18 4.61 21.21
C ASP E 39 16.68 4.31 21.41
N PRO E 40 15.98 3.93 20.34
CA PRO E 40 14.51 3.79 20.40
C PRO E 40 13.98 2.62 21.23
N ASP E 41 14.71 1.51 21.32
CA ASP E 41 14.18 0.30 21.96
C ASP E 41 14.67 0.13 23.38
N ASN E 42 15.35 1.15 23.89
CA ASN E 42 15.78 1.17 25.28
C ASN E 42 14.57 1.21 26.16
N PRO E 43 14.32 0.16 26.93
CA PRO E 43 13.08 0.07 27.72
C PRO E 43 12.81 1.31 28.59
N ASP E 44 13.86 2.04 28.96
CA ASP E 44 13.73 3.29 29.71
C ASP E 44 13.12 4.39 28.84
N VAL E 45 13.54 4.43 27.59
CA VAL E 45 13.01 5.37 26.60
C VAL E 45 11.59 4.94 26.22
N ILE E 46 11.34 3.65 26.11
CA ILE E 46 9.98 3.22 25.83
C ILE E 46 9.08 3.58 27.01
N ALA E 47 9.60 3.44 28.23
CA ALA E 47 8.83 3.83 29.40
C ALA E 47 8.58 5.33 29.39
N ALA E 48 9.59 6.11 29.00
CA ALA E 48 9.46 7.55 28.95
C ALA E 48 8.35 7.96 27.98
N ARG E 49 8.33 7.31 26.83
CA ARG E 49 7.30 7.56 25.83
C ARG E 49 5.93 7.20 26.36
N PHE E 50 5.86 6.08 27.09
CA PHE E 50 4.62 5.61 27.70
C PHE E 50 4.03 6.65 28.68
N ARG E 51 4.87 7.13 29.60
CA ARG E 51 4.44 8.18 30.51
C ARG E 51 4.01 9.46 29.79
N TYR E 52 4.81 9.88 28.80
CA TYR E 52 4.49 11.07 28.01
C TYR E 52 3.13 10.94 27.35
N LEU E 53 2.89 9.79 26.76
CA LEU E 53 1.63 9.56 26.10
C LEU E 53 0.49 9.55 27.11
N LEU E 54 0.72 8.98 28.29
CA LEU E 54 -0.33 9.02 29.30
C LEU E 54 -0.66 10.45 29.74
N ARG E 55 0.36 11.30 29.86
CA ARG E 55 0.14 12.68 30.23
C ARG E 55 -0.68 13.42 29.19
N GLN E 56 -0.55 13.01 27.94
CA GLN E 56 -1.23 13.69 26.83
C GLN E 56 -2.59 13.11 26.51
N GLY E 57 -3.00 12.11 27.27
CA GLY E 57 -4.32 11.53 27.09
C GLY E 57 -4.44 10.66 25.87
N ASP E 58 -3.31 10.18 25.37
CA ASP E 58 -3.30 9.28 24.23
C ASP E 58 -3.16 7.85 24.78
N ASN E 59 -4.24 7.33 25.34
CA ASN E 59 -4.21 6.05 26.05
C ASN E 59 -3.95 4.89 25.12
N ALA E 60 -4.31 5.09 23.85
CA ALA E 60 -4.10 4.06 22.82
C ALA E 60 -2.62 3.90 22.55
N GLY E 61 -1.96 5.02 22.23
CA GLY E 61 -0.53 5.00 21.94
C GLY E 61 0.27 4.49 23.12
N ALA E 62 -0.17 4.86 24.31
CA ALA E 62 0.41 4.38 25.56
C ALA E 62 0.26 2.86 25.71
N GLN E 63 -0.93 2.35 25.40
CA GLN E 63 -1.14 0.90 25.48
C GLN E 63 -0.22 0.19 24.48
N LYS E 64 -0.03 0.77 23.31
CA LYS E 64 0.86 0.19 22.31
C LYS E 64 2.30 0.21 22.77
N GLN E 65 2.75 1.28 23.41
CA GLN E 65 4.11 1.27 23.97
C GLN E 65 4.21 0.21 25.05
N LEU E 66 3.11 -0.04 25.75
CA LEU E 66 3.11 -1.12 26.73
C LEU E 66 3.29 -2.49 26.06
N ASP E 67 2.59 -2.73 24.97
CA ASP E 67 2.70 -3.98 24.22
C ASP E 67 4.11 -4.14 23.68
N ARG E 68 4.64 -3.03 23.23
CA ARG E 68 6.00 -2.98 22.75
C ARG E 68 6.98 -3.41 23.86
N MET E 69 6.81 -2.88 25.07
CA MET E 69 7.68 -3.30 26.17
C MET E 69 7.47 -4.74 26.57
N LYS E 70 6.24 -5.23 26.45
CA LYS E 70 5.93 -6.57 26.89
C LYS E 70 6.57 -7.53 25.88
N GLN E 71 6.76 -7.06 24.65
CA GLN E 71 7.37 -7.92 23.64
C GLN E 71 8.86 -7.76 23.53
N LEU E 72 9.40 -6.65 23.98
CA LEU E 72 10.85 -6.38 23.93
C LEU E 72 11.60 -6.63 25.22
N ALA E 73 11.03 -6.18 26.34
CA ALA E 73 11.65 -6.38 27.65
C ALA E 73 10.56 -6.56 28.69
N PRO E 74 9.96 -7.76 28.73
CA PRO E 74 8.81 -8.06 29.59
C PRO E 74 9.19 -8.16 31.05
N ASP E 75 10.46 -8.39 31.36
CA ASP E 75 10.83 -8.51 32.77
C ASP E 75 11.85 -7.48 33.22
N SER E 76 11.86 -6.35 32.53
CA SER E 76 12.64 -5.16 32.95
C SER E 76 11.79 -4.36 33.92
N ALA E 77 12.43 -3.57 34.78
CA ALA E 77 11.70 -2.75 35.76
C ALA E 77 10.71 -1.77 35.11
N ALA E 78 11.13 -1.24 33.97
CA ALA E 78 10.37 -0.28 33.18
C ALA E 78 9.01 -0.83 32.76
N TYR E 79 8.98 -2.08 32.32
CA TYR E 79 7.72 -2.66 31.87
C TYR E 79 6.70 -2.78 33.01
N LYS E 80 7.11 -3.31 34.15
CA LYS E 80 6.17 -3.54 35.25
C LYS E 80 5.73 -2.23 35.90
N SER E 81 6.65 -1.27 35.99
CA SER E 81 6.32 0.07 36.48
C SER E 81 5.28 0.74 35.58
N SER E 82 5.47 0.56 34.28
CA SER E 82 4.53 1.09 33.31
C SER E 82 3.18 0.33 33.34
N VAL E 83 3.22 -0.96 33.66
CA VAL E 83 2.00 -1.75 33.78
C VAL E 83 1.14 -1.24 34.95
N THR E 84 1.79 -1.05 36.11
CA THR E 84 1.09 -0.48 37.26
C THR E 84 0.57 0.92 36.90
N SER E 85 1.43 1.79 36.34
CA SER E 85 0.99 3.14 35.98
C SER E 85 -0.20 3.13 35.05
N MET E 86 -0.28 2.11 34.20
CA MET E 86 -1.38 2.07 33.22
C MET E 86 -2.69 1.63 33.85
N THR E 87 -2.59 0.79 34.88
CA THR E 87 -3.84 0.30 35.50
C THR E 87 -4.63 1.29 36.38
N LEU E 88 -4.42 2.61 36.23
CA LEU E 88 -5.12 3.58 37.09
C LEU E 88 -6.31 4.42 36.56
N SER E 89 -6.30 5.01 35.35
CA SER E 89 -5.22 5.01 34.37
C SER E 89 -4.50 6.36 34.41
N GLY E 90 -3.19 6.34 34.74
CA GLY E 90 -2.43 7.56 34.93
C GLY E 90 -1.41 7.45 36.05
N ALA E 91 -0.49 8.41 36.12
CA ALA E 91 0.61 8.44 37.09
C ALA E 91 0.22 8.93 38.48
N GLU E 92 -0.97 9.54 38.59
CA GLU E 92 -1.41 10.24 39.81
C GLU E 92 -1.40 9.21 40.91
N GLY E 93 -2.04 8.11 40.54
CA GLY E 93 -2.16 6.96 41.38
C GLY E 93 -0.84 6.26 41.58
N ARG E 94 0.01 6.25 40.54
CA ARG E 94 1.31 5.55 40.58
C ARG E 94 2.26 6.13 41.65
N GLN E 95 2.38 7.45 41.72
CA GLN E 95 3.25 8.03 42.76
C GLN E 95 2.46 8.11 44.07
N ALA E 96 1.12 8.17 44.00
CA ALA E 96 0.31 8.10 45.22
C ALA E 96 0.67 6.79 45.92
N LEU E 97 0.86 5.79 45.07
CA LEU E 97 1.29 4.46 45.46
C LEU E 97 2.76 4.42 45.96
N GLN E 98 3.68 5.13 45.33
CA GLN E 98 5.05 5.05 45.85
C GLN E 98 5.20 5.79 47.19
N GLN E 99 4.53 6.92 47.36
CA GLN E 99 4.59 7.64 48.63
C GLN E 99 3.46 7.08 49.51
N ALA E 100 2.90 5.97 49.08
CA ALA E 100 2.25 5.05 49.99
C ALA E 100 3.35 4.07 50.48
N ARG E 101 4.22 3.69 49.55
CA ARG E 101 5.30 2.71 49.78
C ARG E 101 6.53 3.25 50.54
N LEU E 102 6.62 4.57 50.68
CA LEU E 102 7.69 5.28 51.39
C LEU E 102 7.80 4.76 52.82
N GLN E 103 6.70 4.15 53.21
CA GLN E 103 6.47 3.56 54.50
C GLN E 103 7.22 2.26 54.76
N ALA E 104 7.82 1.68 53.72
CA ALA E 104 8.34 0.33 53.80
C ALA E 104 9.56 0.11 54.69
N THR E 105 10.56 1.00 54.66
CA THR E 105 11.73 0.78 55.53
C THR E 105 11.51 1.37 56.91
N THR E 106 10.81 2.50 56.91
CA THR E 106 10.60 3.27 58.12
C THR E 106 9.55 2.64 59.02
N GLY E 107 8.57 1.96 58.44
CA GLY E 107 7.59 1.23 59.22
C GLY E 107 6.31 1.94 59.63
N HIS E 108 6.01 3.09 59.03
CA HIS E 108 4.79 3.82 59.38
C HIS E 108 3.59 3.17 58.70
N VAL E 109 3.30 1.92 59.03
CA VAL E 109 2.37 1.16 58.20
C VAL E 109 0.91 1.69 58.10
N PRO E 110 0.29 2.17 59.21
CA PRO E 110 -1.13 2.54 59.07
C PRO E 110 -1.40 3.68 58.08
N GLU E 111 -0.55 4.69 58.03
CA GLU E 111 -0.70 5.75 57.03
C GLU E 111 -0.68 5.14 55.63
N ALA E 112 0.23 4.19 55.43
CA ALA E 112 0.40 3.50 54.15
C ALA E 112 -0.86 2.74 53.73
N LEU E 113 -1.36 1.93 54.64
CA LEU E 113 -2.60 1.18 54.42
C LEU E 113 -3.77 2.11 54.15
N ALA E 114 -3.76 3.26 54.83
CA ALA E 114 -4.79 4.29 54.70
C ALA E 114 -4.79 4.86 53.30
N ALA E 115 -3.59 5.19 52.84
CA ALA E 115 -3.37 5.74 51.52
C ALA E 115 -3.84 4.76 50.48
N TYR E 116 -3.44 3.51 50.66
CA TYR E 116 -3.78 2.43 49.75
C TYR E 116 -5.29 2.25 49.65
N ASP E 117 -5.96 2.29 50.80
CA ASP E 117 -7.41 2.12 50.84
C ASP E 117 -8.08 3.25 50.08
N ALA E 118 -7.52 4.46 50.28
CA ALA E 118 -7.97 5.69 49.63
C ALA E 118 -7.83 5.66 48.11
N LEU E 119 -6.74 5.03 47.66
CA LEU E 119 -6.40 4.90 46.25
C LEU E 119 -7.25 3.88 45.52
N PHE E 120 -7.35 2.69 46.10
CA PHE E 120 -7.99 1.55 45.46
C PHE E 120 -9.50 1.71 45.33
N LYS E 121 -10.06 2.67 46.06
CA LYS E 121 -11.52 2.91 46.05
C LYS E 121 -12.28 1.72 46.63
N GLY E 122 -11.62 0.95 47.51
CA GLY E 122 -12.27 -0.18 48.15
C GLY E 122 -12.14 -1.46 47.36
N ASN E 123 -11.63 -1.34 46.12
CA ASN E 123 -11.41 -2.49 45.24
C ASN E 123 -10.00 -2.52 44.65
N PRO E 124 -9.06 -3.22 45.34
CA PRO E 124 -7.66 -3.25 44.89
C PRO E 124 -7.45 -3.95 43.58
N PRO E 125 -6.57 -3.39 42.74
CA PRO E 125 -6.17 -4.02 41.49
C PRO E 125 -5.50 -5.35 41.82
N GLU E 126 -5.57 -6.28 40.89
CA GLU E 126 -4.96 -7.56 41.12
C GLU E 126 -3.61 -7.52 40.44
N GLY E 127 -2.80 -8.54 40.69
CA GLY E 127 -1.46 -8.56 40.17
C GLY E 127 -0.53 -8.17 41.29
N ASP E 128 0.59 -7.56 40.94
CA ASP E 128 1.62 -7.26 41.93
C ASP E 128 1.11 -6.25 42.99
N LEU E 129 0.14 -5.43 42.61
CA LEU E 129 -0.45 -4.45 43.53
C LEU E 129 -1.21 -5.04 44.70
N ALA E 130 -2.05 -6.03 44.42
CA ALA E 130 -2.83 -6.69 45.46
C ALA E 130 -1.88 -7.35 46.43
N VAL E 131 -0.84 -7.95 45.87
CA VAL E 131 0.19 -8.58 46.67
C VAL E 131 0.87 -7.56 47.60
N GLU E 132 1.28 -6.41 47.07
CA GLU E 132 1.90 -5.39 47.92
C GLU E 132 0.97 -5.00 49.05
N TYR E 133 -0.27 -4.72 48.68
CA TYR E 133 -1.25 -4.28 49.66
C TYR E 133 -1.40 -5.31 50.78
N TRP E 134 -1.74 -6.55 50.43
CA TRP E 134 -2.01 -7.54 51.46
C TRP E 134 -0.76 -7.96 52.22
N ALA E 135 0.40 -7.81 51.59
CA ALA E 135 1.66 -8.09 52.28
C ALA E 135 1.92 -7.02 53.34
N LEU E 136 1.68 -5.75 53.00
CA LEU E 136 1.79 -4.65 53.96
C LEU E 136 0.78 -4.74 55.10
N VAL E 137 -0.44 -5.12 54.76
CA VAL E 137 -1.52 -5.30 55.70
C VAL E 137 -1.16 -6.44 56.62
N ALA E 138 -0.44 -7.41 56.09
CA ALA E 138 -0.03 -8.56 56.87
C ALA E 138 0.91 -8.20 58.01
N LYS E 139 1.53 -7.03 57.95
CA LYS E 139 2.46 -6.69 59.01
C LYS E 139 1.81 -6.23 60.31
N VAL E 140 0.59 -5.70 60.25
CA VAL E 140 -0.13 -5.43 61.49
C VAL E 140 -0.84 -6.74 61.87
N PRO E 141 -0.55 -7.26 63.08
CA PRO E 141 -1.04 -8.55 63.56
C PRO E 141 -2.57 -8.73 63.57
N ALA E 142 -3.31 -7.68 63.93
CA ALA E 142 -4.77 -7.78 63.96
C ALA E 142 -5.36 -8.02 62.56
N ARG E 143 -4.59 -7.67 61.54
CA ARG E 143 -5.00 -7.88 60.17
C ARG E 143 -4.24 -9.02 59.52
N ARG E 144 -3.28 -9.57 60.25
CA ARG E 144 -2.40 -10.58 59.66
C ARG E 144 -3.20 -11.77 59.10
N SER E 145 -4.28 -12.16 59.78
CA SER E 145 -5.03 -13.32 59.35
C SER E 145 -5.87 -13.00 58.11
N GLU E 146 -6.36 -11.76 58.02
CA GLU E 146 -7.09 -11.31 56.82
C GLU E 146 -6.15 -11.36 55.64
N ALA E 147 -4.96 -10.83 55.85
CA ALA E 147 -3.95 -10.82 54.80
C ALA E 147 -3.63 -12.22 54.37
N ILE E 148 -3.45 -13.13 55.30
CA ILE E 148 -3.16 -14.51 54.87
C ILE E 148 -4.31 -15.11 54.03
N THR E 149 -5.56 -14.99 54.48
CA THR E 149 -6.65 -15.52 53.66
C THR E 149 -6.66 -14.89 52.25
N GLN E 150 -6.58 -13.57 52.17
CA GLN E 150 -6.60 -12.86 50.90
C GLN E 150 -5.45 -13.22 49.98
N LEU E 151 -4.27 -13.43 50.57
CA LEU E 151 -3.12 -13.85 49.80
C LEU E 151 -3.27 -15.28 49.27
N LYS E 152 -3.81 -16.19 50.08
CA LYS E 152 -4.08 -17.52 49.56
C LYS E 152 -5.07 -17.44 48.42
N ALA E 153 -6.06 -16.57 48.56
CA ALA E 153 -7.00 -16.35 47.50
C ALA E 153 -6.25 -15.91 46.24
N LEU E 154 -5.33 -14.94 46.37
CA LEU E 154 -4.57 -14.50 45.19
C LEU E 154 -3.69 -15.57 44.58
N ASN E 155 -3.29 -16.50 45.43
CA ASN E 155 -2.46 -17.60 45.00
C ASN E 155 -3.34 -18.53 44.18
N ALA E 156 -4.62 -18.55 44.54
CA ALA E 156 -5.56 -19.43 43.90
C ALA E 156 -6.02 -18.82 42.59
N ARG E 157 -5.91 -17.50 42.46
CA ARG E 157 -6.38 -16.83 41.26
C ARG E 157 -5.26 -16.47 40.31
N ASN E 158 -4.08 -16.26 40.88
CA ASN E 158 -2.90 -15.96 40.09
C ASN E 158 -1.81 -16.91 40.53
N PRO E 159 -1.87 -18.15 40.01
CA PRO E 159 -0.91 -19.17 40.46
C PRO E 159 0.49 -18.89 39.94
N GLY E 160 1.46 -19.52 40.61
CA GLY E 160 2.88 -19.46 40.26
C GLY E 160 3.46 -18.07 40.21
N ASN E 161 3.19 -17.32 41.27
CA ASN E 161 3.80 -16.03 41.51
C ASN E 161 4.85 -16.21 42.60
N ALA E 162 6.11 -16.13 42.20
CA ALA E 162 7.24 -16.37 43.09
C ALA E 162 7.17 -15.50 44.32
N ALA E 163 7.00 -14.20 44.12
CA ALA E 163 6.97 -13.24 45.21
C ALA E 163 5.83 -13.52 46.21
N LEU E 164 4.64 -13.74 45.66
CA LEU E 164 3.44 -14.02 46.44
C LEU E 164 3.58 -15.33 47.20
N GLN E 165 4.03 -16.38 46.54
CA GLN E 165 4.19 -17.67 47.19
C GLN E 165 5.24 -17.57 48.28
N ASN E 166 6.24 -16.75 48.03
CA ASN E 166 7.30 -16.53 48.99
C ASN E 166 6.78 -15.88 50.26
N SER E 167 6.16 -14.72 50.09
CA SER E 167 5.61 -13.98 51.22
C SER E 167 4.57 -14.81 51.99
N LEU E 168 3.73 -15.52 51.24
CA LEU E 168 2.68 -16.36 51.81
C LEU E 168 3.27 -17.51 52.63
N ALA E 169 4.33 -18.10 52.09
CA ALA E 169 5.00 -19.18 52.80
C ALA E 169 5.56 -18.67 54.11
N GLN E 170 6.27 -17.55 54.04
CA GLN E 170 6.91 -16.99 55.22
C GLN E 170 5.90 -16.51 56.24
N LEU E 171 4.75 -16.03 55.77
CA LEU E 171 3.67 -15.59 56.64
C LEU E 171 3.05 -16.76 57.38
N LEU E 172 2.77 -17.85 56.67
CA LEU E 172 2.20 -19.03 57.32
C LEU E 172 3.21 -19.72 58.26
N PHE E 173 4.49 -19.59 57.95
CA PHE E 173 5.55 -20.07 58.86
C PHE E 173 5.65 -19.21 60.12
N GLY E 174 5.41 -17.91 59.96
CA GLY E 174 5.48 -16.98 61.07
C GLY E 174 4.42 -17.31 62.10
N GLU E 175 3.40 -18.03 61.68
CA GLU E 175 2.38 -18.49 62.59
C GLU E 175 2.33 -20.03 62.61
N GLY E 176 1.48 -20.58 63.47
CA GLY E 176 1.40 -22.02 63.64
C GLY E 176 0.76 -22.79 62.50
N ARG E 177 0.62 -22.16 61.34
CA ARG E 177 -0.02 -22.76 60.16
C ARG E 177 1.01 -23.42 59.24
N ASP E 178 1.64 -24.49 59.75
CA ASP E 178 2.78 -25.13 59.10
C ASP E 178 2.43 -25.94 57.86
N ALA E 179 1.31 -26.65 57.94
CA ALA E 179 0.85 -27.54 56.87
C ALA E 179 0.57 -26.77 55.59
N GLU E 180 -0.23 -25.72 55.76
CA GLU E 180 -0.68 -24.86 54.68
C GLU E 180 0.51 -24.24 53.98
N ALA E 181 1.54 -23.94 54.75
CA ALA E 181 2.77 -23.35 54.26
C ALA E 181 3.66 -24.34 53.53
N TYR E 182 3.61 -25.61 53.94
CA TYR E 182 4.33 -26.64 53.20
C TYR E 182 3.67 -26.79 51.86
N ALA E 183 2.34 -26.71 51.87
CA ALA E 183 1.58 -26.74 50.63
C ALA E 183 2.01 -25.58 49.74
N VAL E 184 2.07 -24.37 50.30
CA VAL E 184 2.48 -23.20 49.51
C VAL E 184 3.89 -23.33 48.97
N LEU E 185 4.75 -23.98 49.75
CA LEU E 185 6.12 -24.16 49.32
C LEU E 185 6.22 -25.14 48.16
N GLU E 186 5.41 -26.18 48.22
CA GLU E 186 5.43 -27.17 47.14
C GLU E 186 4.74 -26.60 45.88
N GLN E 187 3.76 -25.70 46.02
CA GLN E 187 3.26 -24.95 44.85
C GLN E 187 4.37 -24.04 44.32
N MET E 188 5.22 -23.55 45.23
CA MET E 188 6.38 -22.75 44.84
C MET E 188 7.54 -23.65 44.51
N ALA E 189 7.28 -24.92 44.23
CA ALA E 189 8.41 -25.76 43.95
C ALA E 189 8.68 -25.99 42.45
N LYS E 190 7.66 -25.97 41.61
CA LYS E 190 7.90 -26.22 40.19
C LYS E 190 8.39 -25.05 39.31
N SER E 191 8.06 -23.79 39.66
CA SER E 191 8.36 -22.69 38.75
C SER E 191 9.67 -21.92 38.99
N SER E 192 10.34 -21.62 37.88
CA SER E 192 11.69 -21.03 37.85
C SER E 192 11.91 -19.73 38.60
N ALA E 193 10.93 -18.85 38.63
CA ALA E 193 11.17 -17.52 39.17
C ALA E 193 11.34 -17.48 40.70
N GLY E 194 11.11 -18.59 41.38
CA GLY E 194 11.25 -18.60 42.82
C GLY E 194 11.74 -19.85 43.51
N ARG E 195 12.25 -20.79 42.73
CA ARG E 195 12.72 -22.06 43.30
C ARG E 195 13.88 -21.94 44.30
N GLU E 196 14.85 -21.12 43.94
CA GLU E 196 16.05 -20.95 44.72
C GLU E 196 15.69 -20.40 46.12
N ALA E 197 14.71 -19.49 46.12
CA ALA E 197 14.20 -18.90 47.34
C ALA E 197 13.47 -19.93 48.18
N ALA E 198 12.61 -20.71 47.53
CA ALA E 198 11.82 -21.76 48.19
C ALA E 198 12.64 -22.86 48.86
N ALA E 199 13.59 -23.42 48.12
CA ALA E 199 14.46 -24.43 48.69
C ALA E 199 15.20 -23.79 49.85
N GLY E 200 15.66 -22.56 49.61
CA GLY E 200 16.36 -21.77 50.62
C GLY E 200 15.59 -21.64 51.93
N LEU E 201 14.30 -21.35 51.82
CA LEU E 201 13.41 -21.22 52.98
C LEU E 201 13.06 -22.54 53.63
N TRP E 202 13.14 -23.63 52.89
CA TRP E 202 12.80 -24.91 53.48
C TRP E 202 13.94 -25.45 54.35
N TYR E 203 14.14 -24.83 55.51
CA TYR E 203 15.16 -25.27 56.46
C TYR E 203 14.67 -25.38 57.90
N GLN E 204 15.13 -26.43 58.61
CA GLN E 204 14.90 -26.51 60.05
C GLN E 204 16.09 -27.16 60.78
N GLN E 205 16.33 -26.71 62.02
CA GLN E 205 17.34 -27.26 62.92
C GLN E 205 18.75 -27.15 62.35
#